data_5OP0
#
_entry.id   5OP0
#
_cell.length_a   51.550
_cell.length_b   56.430
_cell.length_c   64.450
_cell.angle_alpha   97.170
_cell.angle_beta   100.200
_cell.angle_gamma   90.640
#
_symmetry.space_group_name_H-M   'P 1'
#
loop_
_entity.id
_entity.type
_entity.pdbx_description
1 polymer 'DNA polymerase LigD, polymerase domain'
2 water water
#
_entity_poly.entity_id   1
_entity_poly.type   'polypeptide(L)'
_entity_poly.pdbx_seq_one_letter_code
;ATELDVDGVKVRFTNPDKVYFPKLGKNGTKGKLVEYYLSVASGPMLALLRDRPVHLQRFPDGIEGEEIYQKRVPQKHPDY
LETCVVTFPSGRTADALKITHPSSIIWAAQMGTVTLHPWQVRCPDTEHPDELRVDLDPQPGTGFKEARTVACDVLKPLLD
ELGLVGYPKTSGGRGVHVFLRIKPQWDFIEVRRAGIALAREVERRAPDAVTTSWWKEERGERLFIDYNQNARDRTFASAY
SVRKTPIATVSMPLSWDELRNADPDDYTMNTVPDLLAGRDDPWADIDSVQQSLGPLLDLVAADEERGLGDLPYPPNYPKM
PGEPPRVQPSK
;
_entity_poly.pdbx_strand_id   B,A
#
# COMPACT_ATOMS: atom_id res chain seq x y z
N ALA A 1 13.61 -33.96 -22.34
CA ALA A 1 14.78 -33.56 -23.15
C ALA A 1 16.07 -34.00 -22.47
N THR A 2 16.07 -34.05 -21.14
CA THR A 2 17.28 -34.34 -20.39
C THR A 2 16.92 -35.09 -19.12
N GLU A 3 17.89 -35.83 -18.62
CA GLU A 3 17.79 -36.54 -17.35
C GLU A 3 18.87 -35.95 -16.44
N LEU A 4 18.47 -35.43 -15.29
CA LEU A 4 19.39 -34.80 -14.36
C LEU A 4 19.78 -35.78 -13.26
N ASP A 5 21.06 -35.79 -12.92
CA ASP A 5 21.53 -36.52 -11.74
C ASP A 5 21.43 -35.57 -10.56
N VAL A 6 20.40 -35.75 -9.76
CA VAL A 6 20.17 -34.91 -8.58
C VAL A 6 20.53 -35.75 -7.37
N ASP A 7 21.75 -35.60 -6.88
CA ASP A 7 22.26 -36.29 -5.70
C ASP A 7 22.01 -37.79 -5.78
N GLY A 8 22.30 -38.37 -6.95
CA GLY A 8 22.23 -39.81 -7.14
C GLY A 8 20.89 -40.34 -7.63
N VAL A 9 19.88 -39.49 -7.75
CA VAL A 9 18.59 -39.88 -8.28
C VAL A 9 18.40 -39.16 -9.61
N LYS A 10 17.98 -39.91 -10.64
CA LYS A 10 17.80 -39.34 -11.97
C LYS A 10 16.40 -38.75 -12.09
N VAL A 11 16.33 -37.51 -12.58
CA VAL A 11 15.09 -36.74 -12.61
C VAL A 11 14.88 -36.20 -14.02
N ARG A 12 13.73 -36.49 -14.60
CA ARG A 12 13.41 -36.03 -15.95
C ARG A 12 13.09 -34.54 -15.96
N PHE A 13 13.61 -33.86 -16.98
CA PHE A 13 13.52 -32.40 -17.09
C PHE A 13 13.22 -32.03 -18.54
N THR A 14 12.21 -31.21 -18.76
CA THR A 14 11.78 -30.84 -20.09
C THR A 14 11.53 -29.34 -20.20
N ASN A 15 11.55 -28.85 -21.44
CA ASN A 15 11.22 -27.50 -21.86
C ASN A 15 12.06 -26.45 -21.13
N PRO A 16 13.39 -26.46 -21.29
CA PRO A 16 14.21 -25.51 -20.54
C PRO A 16 13.98 -24.05 -20.92
N ASP A 17 13.59 -23.78 -22.16
CA ASP A 17 13.46 -22.42 -22.65
C ASP A 17 12.04 -21.88 -22.56
N LYS A 18 11.11 -22.62 -21.94
CA LYS A 18 9.80 -22.07 -21.63
C LYS A 18 9.93 -20.86 -20.72
N VAL A 19 9.21 -19.79 -21.07
CA VAL A 19 9.29 -18.53 -20.35
C VAL A 19 8.32 -18.57 -19.17
N TYR A 20 8.85 -18.41 -17.96
CA TYR A 20 8.03 -18.30 -16.75
C TYR A 20 7.85 -16.86 -16.29
N PHE A 21 8.88 -16.02 -16.38
CA PHE A 21 8.85 -14.63 -15.92
C PHE A 21 9.14 -13.69 -17.09
N PRO A 22 8.12 -13.13 -17.74
CA PRO A 22 8.37 -12.32 -18.96
C PRO A 22 9.24 -11.08 -18.77
N LYS A 23 9.32 -10.47 -17.58
CA LYS A 23 10.24 -9.33 -17.48
C LYS A 23 11.69 -9.75 -17.45
N LEU A 24 11.95 -11.00 -17.19
CA LEU A 24 13.32 -11.44 -17.17
C LEU A 24 13.80 -11.98 -18.52
N GLY A 25 12.88 -12.24 -19.45
CA GLY A 25 13.29 -12.64 -20.79
C GLY A 25 14.11 -13.91 -20.71
N LYS A 26 15.36 -13.81 -21.14
CA LYS A 26 16.24 -14.97 -21.13
C LYS A 26 16.53 -15.45 -19.72
N ASN A 27 16.45 -14.55 -18.74
CA ASN A 27 16.72 -14.89 -17.35
C ASN A 27 15.46 -15.34 -16.60
N GLY A 28 14.35 -15.54 -17.30
CA GLY A 28 13.12 -15.93 -16.64
C GLY A 28 12.51 -17.19 -17.20
N THR A 29 13.34 -18.11 -17.66
CA THR A 29 12.86 -19.35 -18.24
C THR A 29 12.69 -20.44 -17.18
N LYS A 30 11.98 -21.49 -17.55
CA LYS A 30 11.91 -22.68 -16.71
C LYS A 30 13.30 -23.23 -16.42
N GLY A 31 14.20 -23.14 -17.40
CA GLY A 31 15.56 -23.62 -17.19
C GLY A 31 16.30 -22.86 -16.12
N LYS A 32 16.16 -21.54 -16.10
CA LYS A 32 16.80 -20.75 -15.06
C LYS A 32 16.19 -21.03 -13.69
N LEU A 33 14.89 -21.30 -13.65
CA LEU A 33 14.25 -21.67 -12.39
C LEU A 33 14.78 -23.00 -11.88
N VAL A 34 14.82 -24.02 -12.74
CA VAL A 34 15.35 -25.32 -12.33
C VAL A 34 16.82 -25.20 -11.95
N GLU A 35 17.56 -24.37 -12.69
CA GLU A 35 18.96 -24.13 -12.35
C GLU A 35 19.09 -23.49 -10.97
N TYR A 36 18.19 -22.57 -10.63
CA TYR A 36 18.20 -22.00 -9.29
C TYR A 36 17.94 -23.07 -8.24
N TYR A 37 16.90 -23.89 -8.44
CA TYR A 37 16.56 -24.88 -7.44
C TYR A 37 17.64 -25.96 -7.33
N LEU A 38 18.27 -26.32 -8.44
CA LEU A 38 19.43 -27.20 -8.37
C LEU A 38 20.53 -26.59 -7.50
N SER A 39 20.66 -25.26 -7.52
CA SER A 39 21.68 -24.58 -6.73
C SER A 39 21.42 -24.68 -5.23
N VAL A 40 20.16 -24.73 -4.81
CA VAL A 40 19.84 -24.70 -3.38
C VAL A 40 19.25 -26.00 -2.85
N ALA A 41 18.79 -26.91 -3.71
CA ALA A 41 18.02 -28.05 -3.24
C ALA A 41 18.82 -29.04 -2.41
N SER A 42 20.14 -29.03 -2.50
CA SER A 42 20.97 -29.94 -1.71
C SER A 42 21.58 -29.26 -0.49
N GLY A 43 21.31 -27.97 -0.27
CA GLY A 43 21.88 -27.24 0.83
C GLY A 43 20.90 -27.06 1.97
N PRO A 44 20.99 -25.91 2.66
CA PRO A 44 20.08 -25.63 3.78
C PRO A 44 18.60 -25.70 3.42
N MET A 45 18.25 -25.54 2.15
CA MET A 45 16.85 -25.67 1.76
C MET A 45 16.33 -27.09 2.04
N LEU A 46 17.12 -28.11 1.72
CA LEU A 46 16.70 -29.47 1.98
C LEU A 46 16.55 -29.72 3.48
N ALA A 47 17.52 -29.25 4.27
CA ALA A 47 17.46 -29.46 5.71
C ALA A 47 16.22 -28.81 6.32
N LEU A 48 15.85 -27.63 5.83
CA LEU A 48 14.67 -26.95 6.36
C LEU A 48 13.38 -27.63 5.94
N LEU A 49 13.39 -28.29 4.78
CA LEU A 49 12.20 -28.96 4.25
C LEU A 49 12.15 -30.45 4.53
N ARG A 50 13.20 -31.02 5.13
CA ARG A 50 13.30 -32.47 5.23
C ARG A 50 12.11 -33.08 5.96
N ASP A 51 11.55 -34.13 5.39
CA ASP A 51 10.43 -34.91 5.92
C ASP A 51 9.13 -34.12 6.03
N ARG A 52 9.07 -32.91 5.43
CA ARG A 52 7.82 -32.17 5.54
C ARG A 52 6.91 -32.48 4.35
N PRO A 53 5.60 -32.60 4.58
CA PRO A 53 4.68 -32.61 3.43
C PRO A 53 4.56 -31.20 2.87
N VAL A 54 4.44 -31.10 1.55
CA VAL A 54 4.41 -29.81 0.88
C VAL A 54 3.27 -29.77 -0.11
N HIS A 55 2.75 -28.56 -0.33
CA HIS A 55 1.86 -28.27 -1.43
C HIS A 55 2.62 -27.51 -2.50
N LEU A 56 2.21 -27.69 -3.76
CA LEU A 56 2.93 -27.15 -4.89
C LEU A 56 2.08 -26.07 -5.56
N GLN A 57 2.62 -24.85 -5.66
CA GLN A 57 2.00 -23.76 -6.40
C GLN A 57 2.61 -23.76 -7.79
N ARG A 58 1.88 -24.29 -8.77
CA ARG A 58 2.40 -24.57 -10.09
C ARG A 58 1.91 -23.55 -11.11
N PHE A 59 2.81 -23.14 -12.00
CA PHE A 59 2.50 -22.25 -13.12
C PHE A 59 3.08 -22.91 -14.38
N PRO A 60 2.41 -23.92 -14.92
CA PRO A 60 3.02 -24.69 -16.02
C PRO A 60 3.34 -23.86 -17.25
N ASP A 61 2.63 -22.76 -17.47
CA ASP A 61 2.89 -21.87 -18.59
C ASP A 61 3.20 -20.45 -18.11
N GLY A 62 3.97 -20.36 -17.04
CA GLY A 62 4.46 -19.09 -16.55
C GLY A 62 3.50 -18.39 -15.60
N ILE A 63 4.03 -17.37 -14.92
CA ILE A 63 3.28 -16.67 -13.89
C ILE A 63 2.10 -15.90 -14.43
N GLU A 64 2.03 -15.69 -15.74
CA GLU A 64 0.87 -15.07 -16.36
C GLU A 64 -0.11 -16.08 -16.94
N GLY A 65 0.17 -17.38 -16.84
CA GLY A 65 -0.78 -18.41 -17.19
C GLY A 65 -1.58 -18.86 -15.99
N GLU A 66 -2.27 -19.98 -16.17
CA GLU A 66 -3.13 -20.45 -15.09
C GLU A 66 -2.31 -20.97 -13.92
N GLU A 67 -2.88 -20.88 -12.73
CA GLU A 67 -2.23 -21.29 -11.50
C GLU A 67 -2.90 -22.54 -10.95
N ILE A 68 -2.10 -23.54 -10.59
CA ILE A 68 -2.58 -24.80 -10.04
C ILE A 68 -1.95 -24.97 -8.67
N TYR A 69 -2.78 -24.86 -7.62
CA TYR A 69 -2.33 -25.11 -6.26
C TYR A 69 -2.59 -26.59 -5.96
N GLN A 70 -1.52 -27.38 -5.91
CA GLN A 70 -1.60 -28.82 -5.85
C GLN A 70 -1.27 -29.30 -4.44
N LYS A 71 -2.25 -29.93 -3.79
CA LYS A 71 -2.07 -30.47 -2.43
C LYS A 71 -1.83 -31.97 -2.46
N ARG A 72 -2.76 -32.72 -3.05
CA ARG A 72 -2.57 -34.16 -3.23
C ARG A 72 -1.55 -34.41 -4.33
N VAL A 73 -0.70 -35.40 -4.12
CA VAL A 73 0.25 -35.78 -5.18
C VAL A 73 -0.54 -36.39 -6.33
N PRO A 74 -0.15 -36.17 -7.59
CA PRO A 74 -0.88 -36.79 -8.70
C PRO A 74 -0.88 -38.30 -8.58
N GLN A 75 -1.97 -38.92 -9.05
CA GLN A 75 -2.11 -40.37 -8.91
C GLN A 75 -1.01 -41.13 -9.63
N LYS A 76 -0.40 -40.52 -10.66
CA LYS A 76 0.74 -41.11 -11.36
C LYS A 76 1.93 -40.18 -11.22
N HIS A 77 3.01 -40.69 -10.64
CA HIS A 77 4.20 -39.90 -10.34
C HIS A 77 5.40 -40.83 -10.30
N PRO A 78 6.63 -40.29 -10.39
CA PRO A 78 7.81 -41.14 -10.40
C PRO A 78 7.88 -42.10 -9.21
N ASP A 79 8.59 -43.22 -9.43
CA ASP A 79 8.60 -44.32 -8.47
C ASP A 79 9.22 -43.90 -7.14
N TYR A 80 10.26 -43.06 -7.18
CA TYR A 80 11.06 -42.84 -5.99
C TYR A 80 10.34 -41.96 -4.96
N LEU A 81 9.45 -41.09 -5.43
CA LEU A 81 8.85 -40.08 -4.56
C LEU A 81 8.17 -40.73 -3.35
N GLU A 82 8.28 -40.07 -2.21
CA GLU A 82 7.59 -40.50 -1.00
C GLU A 82 6.50 -39.49 -0.66
N THR A 83 5.45 -39.99 -0.01
CA THR A 83 4.31 -39.18 0.34
C THR A 83 4.00 -39.34 1.82
N CYS A 84 3.18 -38.42 2.32
CA CYS A 84 2.78 -38.36 3.71
C CYS A 84 1.31 -37.98 3.76
N VAL A 85 0.56 -38.59 4.67
CA VAL A 85 -0.87 -38.30 4.78
C VAL A 85 -1.07 -37.07 5.63
N VAL A 86 -1.70 -36.05 5.06
CA VAL A 86 -2.00 -34.81 5.76
C VAL A 86 -3.50 -34.75 6.01
N THR A 87 -3.88 -34.03 7.06
CA THR A 87 -5.27 -33.87 7.46
C THR A 87 -5.66 -32.40 7.28
N PHE A 88 -6.60 -32.16 6.38
CA PHE A 88 -7.08 -30.81 6.11
C PHE A 88 -8.04 -30.36 7.20
N PRO A 89 -8.34 -29.06 7.30
CA PRO A 89 -9.21 -28.59 8.39
C PRO A 89 -10.61 -29.17 8.37
N SER A 90 -11.07 -29.70 7.24
CA SER A 90 -12.37 -30.37 7.21
C SER A 90 -12.33 -31.74 7.87
N GLY A 91 -11.13 -32.28 8.11
CA GLY A 91 -11.01 -33.68 8.49
C GLY A 91 -10.66 -34.59 7.34
N ARG A 92 -10.78 -34.12 6.10
CA ARG A 92 -10.39 -34.89 4.94
C ARG A 92 -8.87 -35.10 4.94
N THR A 93 -8.43 -36.21 4.34
CA THR A 93 -7.01 -36.54 4.27
C THR A 93 -6.60 -36.77 2.82
N ALA A 94 -5.29 -36.68 2.59
CA ALA A 94 -4.74 -36.88 1.25
C ALA A 94 -3.25 -37.19 1.36
N ASP A 95 -2.74 -37.86 0.33
CA ASP A 95 -1.31 -38.15 0.23
C ASP A 95 -0.61 -36.94 -0.37
N ALA A 96 0.24 -36.28 0.42
CA ALA A 96 0.98 -35.11 -0.05
C ALA A 96 2.44 -35.49 -0.28
N LEU A 97 3.06 -34.81 -1.23
CA LEU A 97 4.49 -34.99 -1.48
C LEU A 97 5.28 -34.70 -0.21
N LYS A 98 6.14 -35.64 0.17
CA LYS A 98 7.05 -35.51 1.29
C LYS A 98 8.44 -35.21 0.76
N ILE A 99 9.07 -34.14 1.26
CA ILE A 99 10.41 -33.77 0.83
C ILE A 99 11.40 -34.64 1.59
N THR A 100 11.99 -35.62 0.90
CA THR A 100 12.95 -36.53 1.52
C THR A 100 14.32 -36.51 0.86
N HIS A 101 14.47 -35.80 -0.25
CA HIS A 101 15.67 -35.88 -1.07
C HIS A 101 15.66 -34.69 -2.02
N PRO A 102 16.83 -34.17 -2.41
CA PRO A 102 16.84 -33.05 -3.38
C PRO A 102 16.03 -33.31 -4.63
N SER A 103 15.95 -34.57 -5.06
CA SER A 103 15.16 -34.91 -6.24
C SER A 103 13.68 -34.58 -6.06
N SER A 104 13.18 -34.62 -4.82
CA SER A 104 11.80 -34.20 -4.57
C SER A 104 11.56 -32.78 -5.04
N ILE A 105 12.49 -31.87 -4.74
CA ILE A 105 12.33 -30.47 -5.10
C ILE A 105 12.46 -30.28 -6.61
N ILE A 106 13.39 -30.99 -7.24
CA ILE A 106 13.61 -30.81 -8.67
C ILE A 106 12.46 -31.39 -9.48
N TRP A 107 11.90 -32.52 -9.03
CA TRP A 107 10.70 -33.03 -9.68
C TRP A 107 9.57 -32.02 -9.62
N ALA A 108 9.37 -31.40 -8.45
CA ALA A 108 8.36 -30.36 -8.33
C ALA A 108 8.60 -29.26 -9.34
N ALA A 109 9.85 -28.80 -9.46
CA ALA A 109 10.16 -27.73 -10.41
C ALA A 109 9.92 -28.18 -11.84
N GLN A 110 10.21 -29.45 -12.14
CA GLN A 110 9.91 -29.98 -13.47
C GLN A 110 8.42 -29.92 -13.77
N MET A 111 7.57 -30.07 -12.76
CA MET A 111 6.12 -29.95 -12.92
C MET A 111 5.63 -28.51 -12.93
N GLY A 112 6.53 -27.54 -13.09
CA GLY A 112 6.13 -26.15 -13.11
C GLY A 112 5.94 -25.51 -11.74
N THR A 113 6.40 -26.15 -10.67
CA THR A 113 6.30 -25.56 -9.35
C THR A 113 7.17 -24.31 -9.26
N VAL A 114 6.54 -23.18 -8.98
CA VAL A 114 7.30 -21.97 -8.67
C VAL A 114 7.55 -21.84 -7.18
N THR A 115 6.56 -22.17 -6.35
CA THR A 115 6.66 -21.98 -4.91
C THR A 115 6.28 -23.27 -4.19
N LEU A 116 7.11 -23.69 -3.24
CA LEU A 116 6.81 -24.79 -2.35
C LEU A 116 6.15 -24.26 -1.09
N HIS A 117 5.09 -24.92 -0.64
CA HIS A 117 4.34 -24.52 0.56
C HIS A 117 4.38 -25.67 1.56
N PRO A 118 5.36 -25.69 2.46
CA PRO A 118 5.49 -26.82 3.39
C PRO A 118 4.58 -26.69 4.58
N TRP A 119 4.09 -27.83 5.05
CA TRP A 119 3.39 -27.87 6.33
C TRP A 119 4.37 -27.60 7.47
N GLN A 120 3.82 -27.18 8.61
CA GLN A 120 4.63 -26.90 9.79
C GLN A 120 4.94 -28.16 10.61
N VAL A 121 4.69 -29.34 10.07
CA VAL A 121 4.97 -30.59 10.76
C VAL A 121 6.03 -31.37 9.98
N ARG A 122 6.67 -32.30 10.68
CA ARG A 122 7.56 -33.29 10.08
C ARG A 122 6.86 -34.65 10.11
N CYS A 123 6.89 -35.35 9.00
CA CYS A 123 6.39 -36.72 8.97
C CYS A 123 7.42 -37.63 9.65
N PRO A 124 6.95 -38.63 10.40
CA PRO A 124 5.56 -39.08 10.51
C PRO A 124 4.64 -38.37 11.51
N ASP A 125 5.16 -37.51 12.39
CA ASP A 125 4.30 -36.87 13.40
C ASP A 125 3.60 -35.66 12.78
N THR A 126 2.55 -35.95 12.03
CA THR A 126 1.73 -34.93 11.40
C THR A 126 0.78 -34.24 12.37
N GLU A 127 0.79 -34.63 13.65
CA GLU A 127 -0.14 -34.06 14.63
C GLU A 127 0.39 -32.83 15.33
N HIS A 128 1.71 -32.68 15.42
CA HIS A 128 2.32 -31.67 16.29
C HIS A 128 3.34 -30.85 15.53
N PRO A 129 3.06 -29.58 15.25
CA PRO A 129 4.03 -28.74 14.55
C PRO A 129 5.33 -28.64 15.32
N ASP A 130 6.45 -28.62 14.58
CA ASP A 130 7.75 -28.30 15.13
C ASP A 130 8.16 -26.87 14.81
N GLU A 131 7.20 -26.04 14.40
CA GLU A 131 7.46 -24.68 13.97
C GLU A 131 6.28 -23.81 14.36
N LEU A 132 6.56 -22.66 14.98
CA LEU A 132 5.57 -21.61 15.13
C LEU A 132 5.90 -20.51 14.13
N ARG A 133 4.90 -20.08 13.38
CA ARG A 133 5.09 -19.11 12.30
C ARG A 133 4.54 -17.75 12.71
N VAL A 134 5.37 -16.72 12.58
CA VAL A 134 4.96 -15.35 12.77
C VAL A 134 4.98 -14.67 11.41
N ASP A 135 3.81 -14.23 10.95
CA ASP A 135 3.66 -13.65 9.62
C ASP A 135 3.35 -12.16 9.81
N LEU A 136 4.32 -11.32 9.49
CA LEU A 136 4.14 -9.86 9.55
C LEU A 136 3.71 -9.40 8.16
N ASP A 137 2.43 -9.08 8.01
CA ASP A 137 1.84 -8.86 6.70
C ASP A 137 1.40 -7.41 6.53
N PRO A 138 2.09 -6.60 5.72
CA PRO A 138 1.70 -5.21 5.55
C PRO A 138 0.32 -5.09 4.91
N GLN A 139 -0.51 -4.23 5.50
CA GLN A 139 -1.80 -3.88 4.94
C GLN A 139 -1.66 -2.65 4.05
N PRO A 140 -2.68 -2.34 3.24
CA PRO A 140 -2.59 -1.14 2.40
C PRO A 140 -2.14 0.07 3.20
N GLY A 141 -1.16 0.80 2.65
CA GLY A 141 -0.56 1.93 3.33
C GLY A 141 0.74 1.63 4.01
N THR A 142 1.15 0.35 4.09
CA THR A 142 2.41 -0.04 4.70
C THR A 142 3.12 -1.03 3.77
N GLY A 143 4.40 -1.27 4.05
CA GLY A 143 5.23 -2.13 3.22
C GLY A 143 6.35 -2.78 3.99
N PHE A 144 7.43 -3.12 3.27
CA PHE A 144 8.50 -3.92 3.86
C PHE A 144 9.26 -3.17 4.95
N LYS A 145 9.37 -1.84 4.86
CA LYS A 145 10.07 -1.12 5.93
C LYS A 145 9.31 -1.23 7.25
N GLU A 146 7.98 -1.16 7.21
CA GLU A 146 7.20 -1.40 8.42
C GLU A 146 7.40 -2.82 8.92
N ALA A 147 7.40 -3.80 8.02
CA ALA A 147 7.55 -5.19 8.43
C ALA A 147 8.92 -5.43 9.07
N ARG A 148 9.99 -5.00 8.41
CA ARG A 148 11.32 -5.22 8.98
C ARG A 148 11.52 -4.44 10.27
N THR A 149 10.91 -3.25 10.38
CA THR A 149 11.06 -2.45 11.60
C THR A 149 10.41 -3.15 12.78
N VAL A 150 9.14 -3.54 12.64
CA VAL A 150 8.46 -4.22 13.73
C VAL A 150 9.14 -5.54 14.06
N ALA A 151 9.61 -6.26 13.03
CA ALA A 151 10.31 -7.51 13.26
C ALA A 151 11.57 -7.31 14.10
N CYS A 152 12.40 -6.32 13.73
CA CYS A 152 13.68 -6.12 14.40
C CYS A 152 13.54 -5.34 15.70
N ASP A 153 12.62 -4.37 15.76
CA ASP A 153 12.54 -3.46 16.89
C ASP A 153 11.54 -3.86 17.95
N VAL A 154 10.53 -4.67 17.60
CA VAL A 154 9.48 -5.07 18.54
C VAL A 154 9.49 -6.56 18.79
N LEU A 155 9.46 -7.36 17.72
CA LEU A 155 9.34 -8.81 17.88
C LEU A 155 10.62 -9.42 18.45
N LYS A 156 11.78 -9.11 17.84
CA LYS A 156 13.02 -9.73 18.32
C LYS A 156 13.31 -9.43 19.78
N PRO A 157 13.21 -8.19 20.29
CA PRO A 157 13.42 -7.98 21.72
C PRO A 157 12.42 -8.71 22.60
N LEU A 158 11.18 -8.87 22.13
CA LEU A 158 10.20 -9.63 22.89
C LEU A 158 10.61 -11.10 22.99
N LEU A 159 11.05 -11.68 21.87
CA LEU A 159 11.55 -13.05 21.91
C LEU A 159 12.73 -13.20 22.87
N ASP A 160 13.66 -12.24 22.83
CA ASP A 160 14.76 -12.27 23.79
C ASP A 160 14.25 -12.25 25.23
N GLU A 161 13.24 -11.43 25.49
CA GLU A 161 12.68 -11.36 26.85
C GLU A 161 12.08 -12.69 27.27
N LEU A 162 11.48 -13.43 26.34
CA LEU A 162 10.86 -14.71 26.63
C LEU A 162 11.84 -15.87 26.60
N GLY A 163 13.12 -15.61 26.32
CA GLY A 163 14.07 -16.70 26.20
C GLY A 163 13.90 -17.51 24.94
N LEU A 164 13.37 -16.90 23.88
CA LEU A 164 13.11 -17.59 22.63
C LEU A 164 14.00 -17.04 21.52
N VAL A 165 14.35 -17.93 20.58
CA VAL A 165 15.15 -17.59 19.41
C VAL A 165 14.26 -17.69 18.18
N GLY A 166 14.22 -16.62 17.39
CA GLY A 166 13.47 -16.63 16.15
C GLY A 166 14.36 -16.50 14.94
N TYR A 167 13.91 -16.97 13.78
CA TYR A 167 14.69 -16.93 12.56
C TYR A 167 13.87 -16.24 11.47
N PRO A 168 14.31 -15.09 10.97
CA PRO A 168 13.50 -14.35 10.01
C PRO A 168 13.88 -14.63 8.56
N LYS A 169 12.89 -14.53 7.66
CA LYS A 169 13.15 -14.52 6.24
C LYS A 169 12.22 -13.51 5.59
N THR A 170 12.64 -12.96 4.47
CA THR A 170 11.70 -12.22 3.63
C THR A 170 10.68 -13.21 3.09
N SER A 171 9.43 -12.77 2.98
CA SER A 171 8.42 -13.61 2.35
C SER A 171 8.63 -13.69 0.84
N GLY A 172 9.33 -12.74 0.25
CA GLY A 172 9.38 -12.57 -1.18
C GLY A 172 8.34 -11.61 -1.71
N GLY A 173 7.30 -11.32 -0.92
CA GLY A 173 6.41 -10.21 -1.19
C GLY A 173 6.82 -9.00 -0.39
N ARG A 174 5.86 -8.37 0.29
CA ARG A 174 6.13 -7.21 1.12
C ARG A 174 6.41 -7.54 2.56
N GLY A 175 6.21 -8.78 2.99
CA GLY A 175 6.20 -9.11 4.39
C GLY A 175 7.46 -9.81 4.86
N VAL A 176 7.43 -10.14 6.14
CA VAL A 176 8.51 -10.84 6.82
C VAL A 176 7.92 -12.03 7.54
N HIS A 177 8.62 -13.16 7.47
CA HIS A 177 8.27 -14.38 8.19
C HIS A 177 9.31 -14.63 9.26
N VAL A 178 8.85 -15.01 10.45
CA VAL A 178 9.74 -15.40 11.54
C VAL A 178 9.34 -16.79 12.01
N PHE A 179 10.34 -17.68 12.10
CA PHE A 179 10.13 -19.06 12.56
C PHE A 179 10.64 -19.23 13.98
N LEU A 180 9.87 -19.96 14.79
CA LEU A 180 10.34 -20.47 16.07
C LEU A 180 10.34 -21.99 16.00
N ARG A 181 11.50 -22.60 16.19
CA ARG A 181 11.57 -24.06 16.23
C ARG A 181 11.15 -24.54 17.62
N ILE A 182 10.19 -25.47 17.65
CA ILE A 182 9.59 -25.89 18.90
C ILE A 182 9.57 -27.41 18.98
N LYS A 183 9.53 -27.91 20.21
CA LYS A 183 9.35 -29.34 20.42
C LYS A 183 7.99 -29.77 19.85
N PRO A 184 7.94 -30.78 19.11
CA PRO A 184 6.65 -31.20 18.55
C PRO A 184 5.81 -31.97 19.55
N GLN A 185 5.34 -31.28 20.59
CA GLN A 185 4.46 -31.90 21.57
C GLN A 185 3.13 -31.17 21.73
N TRP A 186 2.88 -30.12 20.95
CA TRP A 186 1.61 -29.41 20.99
C TRP A 186 0.92 -29.53 19.63
N ASP A 187 -0.41 -29.56 19.65
CA ASP A 187 -1.17 -29.70 18.41
C ASP A 187 -1.36 -28.33 17.74
N PHE A 188 -2.05 -28.33 16.59
CA PHE A 188 -2.22 -27.09 15.84
C PHE A 188 -3.00 -26.06 16.66
N ILE A 189 -3.96 -26.51 17.47
CA ILE A 189 -4.77 -25.59 18.26
C ILE A 189 -3.90 -24.81 19.23
N GLU A 190 -3.02 -25.50 19.96
CA GLU A 190 -2.24 -24.85 20.99
C GLU A 190 -1.12 -24.00 20.40
N VAL A 191 -0.48 -24.47 19.32
CA VAL A 191 0.52 -23.64 18.65
C VAL A 191 -0.11 -22.36 18.16
N ARG A 192 -1.32 -22.44 17.60
CA ARG A 192 -1.99 -21.24 17.14
C ARG A 192 -2.34 -20.31 18.29
N ARG A 193 -2.82 -20.86 19.41
CA ARG A 193 -3.10 -20.02 20.57
C ARG A 193 -1.82 -19.33 21.06
N ALA A 194 -0.70 -20.04 21.05
CA ALA A 194 0.57 -19.42 21.42
C ALA A 194 0.91 -18.27 20.48
N GLY A 195 0.71 -18.47 19.19
CA GLY A 195 0.97 -17.41 18.23
C GLY A 195 0.06 -16.21 18.39
N ILE A 196 -1.18 -16.44 18.82
CA ILE A 196 -2.10 -15.32 19.07
C ILE A 196 -1.61 -14.48 20.25
N ALA A 197 -1.20 -15.15 21.34
CA ALA A 197 -0.68 -14.41 22.49
C ALA A 197 0.57 -13.61 22.11
N LEU A 198 1.44 -14.19 21.28
CA LEU A 198 2.61 -13.45 20.79
C LEU A 198 2.18 -12.26 19.96
N ALA A 199 1.19 -12.46 19.07
CA ALA A 199 0.72 -11.37 18.23
C ALA A 199 0.08 -10.26 19.06
N ARG A 200 -0.70 -10.63 20.07
CA ARG A 200 -1.31 -9.63 20.94
C ARG A 200 -0.27 -8.82 21.70
N GLU A 201 0.83 -9.46 22.10
CA GLU A 201 1.86 -8.74 22.85
C GLU A 201 2.67 -7.82 21.95
N VAL A 202 2.97 -8.24 20.73
CA VAL A 202 3.59 -7.33 19.76
C VAL A 202 2.68 -6.15 19.50
N GLU A 203 1.38 -6.40 19.36
CA GLU A 203 0.43 -5.31 19.08
C GLU A 203 0.35 -4.34 20.25
N ARG A 204 0.37 -4.85 21.49
CA ARG A 204 0.32 -3.97 22.65
C ARG A 204 1.52 -3.05 22.71
N ARG A 205 2.68 -3.52 22.29
CA ARG A 205 3.91 -2.72 22.35
C ARG A 205 4.02 -1.73 21.20
N ALA A 206 3.27 -1.90 20.11
CA ALA A 206 3.32 -0.99 18.97
C ALA A 206 1.93 -0.87 18.36
N PRO A 207 0.96 -0.36 19.11
CA PRO A 207 -0.44 -0.38 18.63
C PRO A 207 -0.68 0.53 17.44
N ASP A 208 0.11 1.60 17.27
CA ASP A 208 -0.05 2.45 16.10
C ASP A 208 0.49 1.80 14.83
N ALA A 209 1.33 0.76 14.96
CA ALA A 209 1.99 0.16 13.82
C ALA A 209 1.57 -1.28 13.55
N VAL A 210 0.88 -1.93 14.50
CA VAL A 210 0.59 -3.36 14.41
C VAL A 210 -0.87 -3.58 14.79
N THR A 211 -1.54 -4.50 14.08
CA THR A 211 -2.91 -4.85 14.39
C THR A 211 -3.09 -6.37 14.30
N THR A 212 -4.04 -6.87 15.08
CA THR A 212 -4.53 -8.24 14.95
C THR A 212 -6.01 -8.26 14.58
N SER A 213 -6.55 -7.13 14.14
CA SER A 213 -7.98 -7.04 13.85
C SER A 213 -8.36 -7.98 12.73
N TRP A 214 -9.41 -8.75 12.96
CA TRP A 214 -9.90 -9.70 11.95
C TRP A 214 -10.49 -8.97 10.76
N TRP A 215 -11.18 -7.86 11.01
CA TRP A 215 -11.80 -7.08 9.94
C TRP A 215 -10.75 -6.15 9.32
N LYS A 216 -10.54 -6.29 8.01
CA LYS A 216 -9.56 -5.47 7.31
C LYS A 216 -9.88 -3.99 7.45
N GLU A 217 -11.17 -3.65 7.45
CA GLU A 217 -11.64 -2.28 7.57
C GLU A 217 -11.17 -1.63 8.88
N GLU A 218 -10.92 -2.43 9.92
CA GLU A 218 -10.50 -1.92 11.22
C GLU A 218 -8.99 -1.85 11.36
N ARG A 219 -8.24 -2.30 10.35
CA ARG A 219 -6.79 -2.45 10.50
C ARG A 219 -6.06 -1.13 10.26
N GLY A 220 -6.52 -0.33 9.31
CA GLY A 220 -5.83 0.91 9.00
C GLY A 220 -4.46 0.65 8.38
N GLU A 221 -3.62 1.67 8.45
CA GLU A 221 -2.27 1.60 7.88
C GLU A 221 -1.33 0.99 8.92
N ARG A 222 -1.49 -0.31 9.12
CA ARG A 222 -0.74 -1.06 10.12
C ARG A 222 -0.31 -2.40 9.55
N LEU A 223 0.69 -3.01 10.18
CA LEU A 223 1.02 -4.40 9.93
C LEU A 223 0.00 -5.32 10.59
N PHE A 224 -0.46 -6.32 9.84
CA PHE A 224 -1.29 -7.39 10.39
C PHE A 224 -0.38 -8.56 10.71
N ILE A 225 -0.40 -9.01 11.97
CA ILE A 225 0.27 -10.25 12.34
C ILE A 225 -0.76 -11.36 12.12
N ASP A 226 -0.57 -12.12 11.04
CA ASP A 226 -1.58 -13.09 10.63
C ASP A 226 -1.45 -14.30 11.52
N TYR A 227 -2.12 -14.26 12.66
CA TYR A 227 -2.08 -15.36 13.62
C TYR A 227 -2.70 -16.63 13.07
N ASN A 228 -3.52 -16.53 12.03
CA ASN A 228 -4.14 -17.72 11.46
C ASN A 228 -3.20 -18.51 10.56
N GLN A 229 -1.97 -18.02 10.35
CA GLN A 229 -0.98 -18.79 9.61
C GLN A 229 -0.56 -20.06 10.36
N ASN A 230 -0.86 -20.14 11.65
CA ASN A 230 -0.59 -21.35 12.42
C ASN A 230 -1.77 -22.31 12.41
N ALA A 231 -2.81 -22.02 11.64
CA ALA A 231 -3.84 -23.02 11.37
C ALA A 231 -3.36 -23.99 10.30
N ARG A 232 -4.10 -25.09 10.13
CA ARG A 232 -3.78 -26.07 9.10
C ARG A 232 -4.02 -25.50 7.70
N ASP A 233 -3.19 -25.94 6.75
CA ASP A 233 -3.45 -25.79 5.32
C ASP A 233 -3.57 -24.33 4.93
N ARG A 234 -2.58 -23.54 5.30
CA ARG A 234 -2.54 -22.13 4.93
C ARG A 234 -1.30 -21.89 4.09
N THR A 235 -1.46 -21.17 2.98
CA THR A 235 -0.33 -20.91 2.10
C THR A 235 0.79 -20.20 2.86
N PHE A 236 2.02 -20.64 2.61
CA PHE A 236 3.18 -20.10 3.29
C PHE A 236 4.43 -20.54 2.51
N ALA A 237 5.06 -19.60 1.82
CA ALA A 237 6.20 -19.94 0.97
C ALA A 237 7.35 -20.49 1.80
N SER A 238 7.95 -21.57 1.32
CA SER A 238 9.10 -22.13 2.02
C SER A 238 10.30 -21.19 1.90
N ALA A 239 11.22 -21.32 2.84
CA ALA A 239 12.53 -20.70 2.66
C ALA A 239 13.13 -21.15 1.34
N TYR A 240 13.71 -20.20 0.61
CA TYR A 240 14.37 -20.37 -0.68
C TYR A 240 13.41 -20.65 -1.83
N SER A 241 12.10 -20.65 -1.60
CA SER A 241 11.16 -20.77 -2.70
C SER A 241 11.14 -19.49 -3.52
N VAL A 242 11.00 -19.65 -4.84
CA VAL A 242 10.74 -18.52 -5.72
C VAL A 242 9.28 -18.11 -5.57
N ARG A 243 8.99 -16.84 -5.78
CA ARG A 243 7.65 -16.30 -5.65
C ARG A 243 7.08 -15.86 -7.00
N LYS A 244 5.75 -15.73 -7.04
CA LYS A 244 5.03 -15.29 -8.23
C LYS A 244 5.17 -13.79 -8.47
N THR A 245 6.37 -13.28 -8.39
CA THR A 245 6.56 -11.86 -8.66
C THR A 245 7.20 -11.67 -10.03
N PRO A 246 7.06 -10.49 -10.62
CA PRO A 246 7.65 -10.28 -11.97
C PRO A 246 9.14 -10.54 -12.03
N ILE A 247 9.89 -10.26 -10.97
CA ILE A 247 11.33 -10.44 -10.98
C ILE A 247 11.76 -11.74 -10.31
N ALA A 248 10.81 -12.63 -10.02
CA ALA A 248 11.09 -13.94 -9.43
C ALA A 248 11.83 -13.81 -8.11
N THR A 249 11.25 -13.04 -7.18
CA THR A 249 11.84 -12.88 -5.86
C THR A 249 11.86 -14.21 -5.12
N VAL A 250 12.79 -14.32 -4.18
CA VAL A 250 12.98 -15.53 -3.38
C VAL A 250 12.73 -15.19 -1.92
N SER A 251 12.03 -16.09 -1.22
CA SER A 251 11.89 -15.98 0.24
C SER A 251 13.23 -16.28 0.88
N MET A 252 13.90 -15.25 1.39
CA MET A 252 15.32 -15.30 1.69
C MET A 252 15.56 -15.33 3.19
N PRO A 253 16.11 -16.40 3.75
CA PRO A 253 16.52 -16.38 5.15
C PRO A 253 17.64 -15.38 5.39
N LEU A 254 17.49 -14.59 6.46
CA LEU A 254 18.45 -13.57 6.81
C LEU A 254 18.77 -13.64 8.29
N SER A 255 19.88 -13.03 8.66
CA SER A 255 20.12 -12.73 10.07
C SER A 255 19.34 -11.47 10.46
N TRP A 256 19.19 -11.27 11.76
CA TRP A 256 18.48 -10.09 12.24
C TRP A 256 19.17 -8.81 11.78
N ASP A 257 20.51 -8.81 11.73
CA ASP A 257 21.23 -7.63 11.27
C ASP A 257 20.97 -7.36 9.80
N GLU A 258 20.99 -8.40 8.95
CA GLU A 258 20.70 -8.21 7.53
C GLU A 258 19.28 -7.71 7.32
N LEU A 259 18.32 -8.25 8.09
CA LEU A 259 16.92 -7.87 7.91
C LEU A 259 16.71 -6.37 8.14
N ARG A 260 17.45 -5.79 9.09
CA ARG A 260 17.24 -4.40 9.47
C ARG A 260 17.32 -3.45 8.29
N ASN A 261 18.19 -3.73 7.32
CA ASN A 261 18.36 -2.90 6.14
C ASN A 261 18.01 -3.63 4.85
N ALA A 262 17.26 -4.72 4.94
CA ALA A 262 17.03 -5.57 3.78
C ALA A 262 16.03 -4.95 2.82
N ASP A 263 16.14 -5.33 1.55
CA ASP A 263 15.19 -4.99 0.50
C ASP A 263 14.84 -6.32 -0.15
N PRO A 264 13.58 -6.74 -0.14
CA PRO A 264 13.25 -8.06 -0.69
C PRO A 264 13.54 -8.20 -2.17
N ASP A 265 13.57 -7.10 -2.93
CA ASP A 265 13.89 -7.18 -4.34
C ASP A 265 15.33 -7.60 -4.60
N ASP A 266 16.21 -7.50 -3.60
CA ASP A 266 17.60 -7.91 -3.79
C ASP A 266 17.75 -9.42 -3.97
N TYR A 267 16.76 -10.21 -3.58
CA TYR A 267 16.85 -11.66 -3.56
C TYR A 267 15.90 -12.24 -4.59
N THR A 268 16.46 -12.77 -5.67
CA THR A 268 15.70 -13.37 -6.76
C THR A 268 16.40 -14.66 -7.16
N MET A 269 15.74 -15.45 -8.00
CA MET A 269 16.34 -16.71 -8.44
C MET A 269 17.62 -16.47 -9.23
N ASN A 270 17.86 -15.25 -9.69
CA ASN A 270 19.09 -14.94 -10.42
C ASN A 270 20.19 -14.39 -9.52
N THR A 271 19.86 -13.89 -8.34
CA THR A 271 20.86 -13.29 -7.45
C THR A 271 21.21 -14.13 -6.24
N VAL A 272 20.32 -15.01 -5.79
CA VAL A 272 20.46 -15.70 -4.50
C VAL A 272 21.67 -16.64 -4.50
N PRO A 273 21.91 -17.47 -5.53
CA PRO A 273 23.07 -18.37 -5.47
C PRO A 273 24.39 -17.66 -5.25
N ASP A 274 24.63 -16.53 -5.92
CA ASP A 274 25.86 -15.79 -5.71
C ASP A 274 25.91 -15.16 -4.33
N LEU A 275 24.77 -14.74 -3.79
CA LEU A 275 24.75 -14.15 -2.45
C LEU A 275 25.00 -15.18 -1.36
N LEU A 276 24.67 -16.44 -1.62
CA LEU A 276 24.91 -17.49 -0.62
C LEU A 276 26.36 -17.91 -0.58
N ALA A 277 27.08 -17.80 -1.69
CA ALA A 277 28.48 -18.19 -1.76
C ALA A 277 29.32 -17.44 -0.73
N GLY A 278 30.04 -18.21 0.10
CA GLY A 278 30.93 -17.64 1.10
C GLY A 278 30.24 -17.08 2.33
N ARG A 279 28.93 -17.03 2.35
CA ARG A 279 28.15 -16.43 3.43
C ARG A 279 27.72 -17.49 4.43
N ASP A 280 27.82 -17.17 5.72
CA ASP A 280 27.37 -18.10 6.74
C ASP A 280 25.84 -18.21 6.69
N ASP A 281 25.36 -19.43 6.84
CA ASP A 281 23.92 -19.67 6.90
C ASP A 281 23.39 -19.01 8.16
N PRO A 282 22.59 -17.93 8.02
CA PRO A 282 22.07 -17.26 9.23
C PRO A 282 21.15 -18.14 10.05
N TRP A 283 20.57 -19.18 9.45
CA TRP A 283 19.72 -20.12 10.16
C TRP A 283 20.46 -21.39 10.56
N ALA A 284 21.80 -21.31 10.66
CA ALA A 284 22.59 -22.51 10.88
C ALA A 284 22.19 -23.25 12.16
N ASP A 285 21.73 -22.53 13.17
CA ASP A 285 21.46 -23.11 14.49
C ASP A 285 19.98 -23.38 14.74
N ILE A 286 19.13 -23.33 13.71
CA ILE A 286 17.68 -23.36 13.96
C ILE A 286 17.27 -24.69 14.59
N ASP A 287 17.84 -25.80 14.12
CA ASP A 287 17.52 -27.11 14.67
C ASP A 287 18.29 -27.43 15.94
N SER A 288 19.13 -26.52 16.43
CA SER A 288 19.99 -26.85 17.56
C SER A 288 19.22 -26.92 18.87
N VAL A 289 18.12 -26.18 19.00
CA VAL A 289 17.34 -26.19 20.24
C VAL A 289 15.86 -26.24 19.89
N GLN A 290 15.18 -27.31 20.33
CA GLN A 290 13.73 -27.40 20.23
C GLN A 290 13.13 -26.70 21.44
N GLN A 291 12.44 -25.59 21.21
CA GLN A 291 12.02 -24.72 22.30
C GLN A 291 10.62 -25.09 22.79
N SER A 292 10.36 -24.74 24.04
CA SER A 292 9.07 -24.96 24.67
C SER A 292 8.13 -23.78 24.42
N LEU A 293 6.85 -24.10 24.19
CA LEU A 293 5.81 -23.08 24.13
C LEU A 293 5.42 -22.56 25.51
N GLY A 294 6.05 -23.08 26.56
CA GLY A 294 5.77 -22.68 27.92
C GLY A 294 5.61 -21.18 28.12
N PRO A 295 6.60 -20.39 27.69
CA PRO A 295 6.47 -18.93 27.88
C PRO A 295 5.25 -18.34 27.20
N LEU A 296 4.96 -18.77 25.96
CA LEU A 296 3.83 -18.22 25.22
C LEU A 296 2.49 -18.74 25.74
N LEU A 297 2.44 -20.01 26.16
CA LEU A 297 1.19 -20.53 26.70
C LEU A 297 0.86 -19.94 28.06
N ASP A 298 1.87 -19.48 28.80
CA ASP A 298 1.60 -18.67 29.99
C ASP A 298 1.00 -17.34 29.61
N LEU A 299 1.49 -16.72 28.52
CA LEU A 299 0.86 -15.50 28.03
C LEU A 299 -0.59 -15.74 27.65
N VAL A 300 -0.89 -16.93 27.11
CA VAL A 300 -2.28 -17.26 26.75
C VAL A 300 -3.17 -17.25 27.99
N ALA A 301 -2.72 -17.91 29.06
CA ALA A 301 -3.51 -17.95 30.29
C ALA A 301 -3.62 -16.56 30.91
N ALA A 302 -2.55 -15.77 30.84
CA ALA A 302 -2.61 -14.38 31.29
C ALA A 302 -3.65 -13.60 30.50
N ASP A 303 -3.65 -13.76 29.17
CA ASP A 303 -4.66 -13.08 28.35
C ASP A 303 -6.06 -13.52 28.73
N GLU A 304 -6.24 -14.79 29.08
CA GLU A 304 -7.55 -15.28 29.51
C GLU A 304 -8.01 -14.58 30.78
N GLU A 305 -7.06 -14.15 31.62
CA GLU A 305 -7.40 -13.40 32.82
C GLU A 305 -7.78 -11.97 32.52
N ARG A 306 -7.23 -11.39 31.44
CA ARG A 306 -7.71 -10.11 30.94
C ARG A 306 -9.05 -10.21 30.23
N GLY A 307 -9.63 -11.39 30.12
CA GLY A 307 -10.84 -11.56 29.32
C GLY A 307 -10.59 -11.72 27.85
N LEU A 308 -9.38 -12.11 27.44
CA LEU A 308 -9.02 -12.27 26.04
C LEU A 308 -8.87 -13.76 25.74
N GLY A 309 -9.76 -14.28 24.89
CA GLY A 309 -9.72 -15.69 24.53
C GLY A 309 -9.25 -15.93 23.12
N ASP A 310 -9.86 -16.91 22.45
CA ASP A 310 -9.51 -17.23 21.08
C ASP A 310 -9.93 -16.11 20.14
N LEU A 311 -9.32 -16.08 18.96
CA LEU A 311 -9.66 -15.15 17.90
C LEU A 311 -10.26 -15.91 16.72
N PRO A 312 -11.02 -15.25 15.86
CA PRO A 312 -11.68 -15.97 14.75
C PRO A 312 -10.69 -16.55 13.75
N TYR A 313 -11.07 -17.69 13.20
CA TYR A 313 -10.36 -18.32 12.10
C TYR A 313 -10.62 -17.55 10.80
N PRO A 314 -9.93 -17.89 9.71
CA PRO A 314 -10.16 -17.16 8.45
C PRO A 314 -11.58 -17.36 7.97
N PRO A 315 -12.09 -16.47 7.11
CA PRO A 315 -13.48 -16.60 6.66
C PRO A 315 -13.73 -17.96 6.02
N ASN A 316 -14.84 -18.59 6.41
CA ASN A 316 -15.30 -19.86 5.85
C ASN A 316 -14.30 -20.99 6.04
N TYR A 317 -13.39 -20.86 6.99
CA TYR A 317 -12.38 -21.88 7.23
C TYR A 317 -13.06 -23.16 7.68
N PRO A 318 -12.85 -24.29 7.00
CA PRO A 318 -13.58 -25.51 7.34
C PRO A 318 -13.26 -25.97 8.76
N LYS A 319 -14.18 -26.76 9.31
CA LYS A 319 -14.04 -27.33 10.65
C LYS A 319 -14.29 -28.82 10.61
N MET A 320 -13.71 -29.54 11.62
N MET A 320 -13.72 -29.53 11.62
CA MET A 320 -13.91 -30.97 11.77
CA MET A 320 -13.91 -30.97 11.77
C MET A 320 -15.15 -31.27 12.59
C MET A 320 -15.16 -31.26 12.59
N PRO A 321 -15.78 -32.43 12.38
CA PRO A 321 -17.04 -32.74 13.08
C PRO A 321 -17.08 -32.53 14.59
N GLY A 322 -16.08 -33.00 15.33
CA GLY A 322 -16.10 -32.89 16.78
C GLY A 322 -15.21 -31.79 17.33
N GLU A 323 -14.87 -30.83 16.47
CA GLU A 323 -14.00 -29.75 16.89
C GLU A 323 -14.77 -28.78 17.77
N PRO A 324 -14.14 -28.23 18.82
CA PRO A 324 -14.84 -27.32 19.70
C PRO A 324 -15.29 -26.07 18.95
N PRO A 325 -16.39 -25.45 19.37
CA PRO A 325 -16.88 -24.26 18.66
C PRO A 325 -15.86 -23.13 18.68
N ARG A 326 -15.78 -22.42 17.57
CA ARG A 326 -14.80 -21.35 17.40
C ARG A 326 -15.42 -20.00 17.75
N VAL A 327 -14.56 -19.02 17.97
CA VAL A 327 -15.00 -17.65 18.18
C VAL A 327 -15.39 -17.05 16.84
N GLN A 328 -16.58 -16.45 16.78
CA GLN A 328 -17.02 -15.85 15.54
C GLN A 328 -16.61 -14.38 15.47
N PRO A 329 -16.42 -13.87 14.25
CA PRO A 329 -16.04 -12.45 14.09
C PRO A 329 -17.11 -11.52 14.63
N SER A 330 -16.68 -10.32 15.03
CA SER A 330 -17.54 -9.39 15.76
C SER A 330 -18.50 -8.68 14.81
N LYS A 331 -19.24 -7.73 15.38
CA LYS A 331 -20.30 -6.99 14.70
C LYS A 331 -21.44 -7.92 14.26
N THR B 2 -36.95 23.16 -0.20
CA THR B 2 -36.51 24.06 0.84
C THR B 2 -35.63 25.16 0.23
N GLU B 3 -35.60 26.33 0.86
CA GLU B 3 -34.76 27.44 0.43
C GLU B 3 -33.83 27.86 1.55
N LEU B 4 -32.52 27.86 1.26
CA LEU B 4 -31.52 28.28 2.23
C LEU B 4 -31.09 29.71 1.97
N ASP B 5 -30.93 30.47 3.06
CA ASP B 5 -30.31 31.79 2.99
C ASP B 5 -28.82 31.60 3.21
N VAL B 6 -28.06 31.66 2.13
CA VAL B 6 -26.61 31.48 2.17
C VAL B 6 -25.98 32.85 1.96
N ASP B 7 -25.62 33.52 3.05
CA ASP B 7 -24.97 34.82 3.03
C ASP B 7 -25.71 35.80 2.13
N GLY B 8 -27.04 35.83 2.27
CA GLY B 8 -27.84 36.79 1.55
C GLY B 8 -28.33 36.36 0.18
N VAL B 9 -27.92 35.19 -0.29
CA VAL B 9 -28.38 34.66 -1.56
C VAL B 9 -29.23 33.42 -1.29
N LYS B 10 -30.37 33.32 -1.97
CA LYS B 10 -31.30 32.22 -1.77
C LYS B 10 -30.87 31.02 -2.60
N VAL B 11 -30.78 29.85 -1.97
CA VAL B 11 -30.29 28.64 -2.62
C VAL B 11 -31.27 27.51 -2.34
N ARG B 12 -31.80 26.90 -3.41
CA ARG B 12 -32.75 25.80 -3.29
C ARG B 12 -32.04 24.51 -2.89
N PHE B 13 -32.68 23.75 -2.00
CA PHE B 13 -32.09 22.53 -1.46
C PHE B 13 -33.15 21.45 -1.34
N THR B 14 -32.83 20.25 -1.84
CA THR B 14 -33.79 19.14 -1.88
C THR B 14 -33.14 17.85 -1.38
N ASN B 15 -34.00 16.89 -1.01
CA ASN B 15 -33.64 15.53 -0.63
C ASN B 15 -32.63 15.49 0.52
N PRO B 16 -32.98 16.00 1.70
CA PRO B 16 -32.00 16.05 2.79
C PRO B 16 -31.57 14.69 3.31
N ASP B 17 -32.44 13.68 3.30
CA ASP B 17 -32.12 12.38 3.89
C ASP B 17 -31.70 11.35 2.84
N LYS B 18 -31.50 11.74 1.59
CA LYS B 18 -30.89 10.85 0.63
C LYS B 18 -29.50 10.45 1.13
N VAL B 19 -29.20 9.16 1.07
CA VAL B 19 -27.99 8.62 1.66
C VAL B 19 -26.83 8.76 0.68
N TYR B 20 -25.77 9.46 1.11
CA TYR B 20 -24.54 9.58 0.34
C TYR B 20 -23.44 8.65 0.83
N PHE B 21 -23.29 8.48 2.15
CA PHE B 21 -22.24 7.64 2.74
C PHE B 21 -22.92 6.55 3.57
N PRO B 22 -23.16 5.37 2.98
CA PRO B 22 -23.93 4.34 3.70
C PRO B 22 -23.30 3.84 4.99
N LYS B 23 -21.98 3.90 5.13
CA LYS B 23 -21.37 3.45 6.38
C LYS B 23 -21.59 4.44 7.52
N LEU B 24 -22.03 5.66 7.23
CA LEU B 24 -22.33 6.63 8.27
C LEU B 24 -23.82 6.69 8.61
N GLY B 25 -24.66 6.09 7.79
CA GLY B 25 -26.09 6.03 8.09
C GLY B 25 -26.72 7.40 8.17
N LYS B 26 -27.26 7.72 9.34
CA LYS B 26 -27.93 9.00 9.54
C LYS B 26 -26.95 10.17 9.41
N ASN B 27 -25.68 9.93 9.68
CA ASN B 27 -24.65 10.96 9.60
C ASN B 27 -24.03 11.07 8.22
N GLY B 28 -24.56 10.36 7.23
CA GLY B 28 -23.98 10.39 5.90
C GLY B 28 -24.97 10.78 4.80
N THR B 29 -25.92 11.65 5.14
CA THR B 29 -26.94 12.06 4.19
C THR B 29 -26.47 13.29 3.41
N LYS B 30 -27.19 13.58 2.33
CA LYS B 30 -26.99 14.84 1.62
C LYS B 30 -27.20 16.03 2.56
N GLY B 31 -28.14 15.91 3.49
CA GLY B 31 -28.36 16.99 4.44
C GLY B 31 -27.15 17.24 5.32
N LYS B 32 -26.49 16.17 5.78
CA LYS B 32 -25.29 16.34 6.58
C LYS B 32 -24.15 16.93 5.74
N LEU B 33 -24.08 16.57 4.46
CA LEU B 33 -23.08 17.14 3.57
C LEU B 33 -23.29 18.64 3.39
N VAL B 34 -24.53 19.04 3.08
CA VAL B 34 -24.83 20.46 2.91
C VAL B 34 -24.63 21.19 4.23
N GLU B 35 -24.97 20.55 5.35
CA GLU B 35 -24.74 21.18 6.66
C GLU B 35 -23.26 21.41 6.89
N TYR B 36 -22.41 20.45 6.51
CA TYR B 36 -20.96 20.66 6.63
C TYR B 36 -20.52 21.83 5.76
N TYR B 37 -20.93 21.84 4.49
CA TYR B 37 -20.48 22.91 3.61
C TYR B 37 -21.02 24.27 4.04
N LEU B 38 -22.23 24.32 4.59
CA LEU B 38 -22.71 25.58 5.16
C LEU B 38 -21.79 26.08 6.27
N SER B 39 -21.19 25.15 7.03
CA SER B 39 -20.31 25.54 8.13
C SER B 39 -19.01 26.17 7.63
N VAL B 40 -18.52 25.76 6.47
CA VAL B 40 -17.21 26.22 5.99
C VAL B 40 -17.30 27.15 4.79
N ALA B 41 -18.43 27.23 4.10
CA ALA B 41 -18.47 27.94 2.83
C ALA B 41 -18.30 29.44 2.97
N SER B 42 -18.52 30.00 4.16
CA SER B 42 -18.37 31.43 4.37
C SER B 42 -17.05 31.79 5.05
N GLY B 43 -16.21 30.81 5.36
CA GLY B 43 -14.97 31.08 6.05
C GLY B 43 -13.75 31.04 5.14
N PRO B 44 -12.61 30.59 5.68
CA PRO B 44 -11.39 30.50 4.87
C PRO B 44 -11.54 29.68 3.59
N MET B 45 -12.50 28.76 3.53
CA MET B 45 -12.73 28.02 2.29
C MET B 45 -13.08 28.95 1.14
N LEU B 46 -13.95 29.93 1.39
CA LEU B 46 -14.32 30.88 0.34
C LEU B 46 -13.11 31.69 -0.13
N ALA B 47 -12.30 32.18 0.82
CA ALA B 47 -11.13 32.96 0.45
C ALA B 47 -10.16 32.15 -0.40
N LEU B 48 -10.00 30.86 -0.09
CA LEU B 48 -9.09 30.03 -0.87
C LEU B 48 -9.64 29.73 -2.25
N LEU B 49 -10.96 29.71 -2.40
CA LEU B 49 -11.59 29.38 -3.67
C LEU B 49 -12.06 30.60 -4.46
N ARG B 50 -11.91 31.80 -3.91
CA ARG B 50 -12.54 32.97 -4.52
C ARG B 50 -12.01 33.18 -5.94
N ASP B 51 -12.94 33.43 -6.87
CA ASP B 51 -12.67 33.69 -8.28
C ASP B 51 -12.06 32.51 -9.02
N ARG B 52 -12.02 31.33 -8.39
CA ARG B 52 -11.42 30.24 -9.14
C ARG B 52 -12.49 29.48 -9.92
N PRO B 53 -12.17 29.05 -11.15
CA PRO B 53 -13.06 28.10 -11.83
C PRO B 53 -12.89 26.73 -11.19
N VAL B 54 -14.01 26.00 -11.09
CA VAL B 54 -14.00 24.71 -10.42
C VAL B 54 -14.71 23.68 -11.28
N HIS B 55 -14.27 22.44 -11.15
CA HIS B 55 -14.98 21.27 -11.64
C HIS B 55 -15.63 20.58 -10.46
N LEU B 56 -16.76 19.92 -10.71
CA LEU B 56 -17.58 19.34 -9.67
C LEU B 56 -17.56 17.82 -9.80
N GLN B 57 -17.15 17.13 -8.73
CA GLN B 57 -17.21 15.68 -8.65
C GLN B 57 -18.51 15.32 -7.95
N ARG B 58 -19.50 14.90 -8.72
CA ARG B 58 -20.87 14.73 -8.25
C ARG B 58 -21.22 13.27 -8.06
N PHE B 59 -21.93 12.98 -6.97
CA PHE B 59 -22.48 11.65 -6.70
C PHE B 59 -23.95 11.82 -6.34
N PRO B 60 -24.81 12.04 -7.34
CA PRO B 60 -26.22 12.34 -7.04
C PRO B 60 -26.93 11.25 -6.28
N ASP B 61 -26.49 10.00 -6.40
CA ASP B 61 -27.07 8.87 -5.68
C ASP B 61 -26.11 8.28 -4.65
N GLY B 62 -25.21 9.11 -4.11
CA GLY B 62 -24.25 8.66 -3.12
C GLY B 62 -23.00 8.08 -3.76
N ILE B 63 -21.98 7.89 -2.91
CA ILE B 63 -20.67 7.46 -3.39
C ILE B 63 -20.67 6.05 -3.96
N GLU B 64 -21.70 5.25 -3.70
CA GLU B 64 -21.81 3.93 -4.31
C GLU B 64 -22.66 3.95 -5.57
N GLY B 65 -23.22 5.11 -5.93
CA GLY B 65 -23.93 5.29 -7.17
C GLY B 65 -23.05 5.86 -8.26
N GLU B 66 -23.70 6.42 -9.27
CA GLU B 66 -22.97 6.95 -10.42
C GLU B 66 -22.11 8.14 -10.02
N GLU B 67 -20.98 8.29 -10.71
CA GLU B 67 -20.07 9.40 -10.49
C GLU B 67 -20.08 10.29 -11.73
N ILE B 68 -20.28 11.58 -11.52
CA ILE B 68 -20.31 12.55 -12.61
C ILE B 68 -19.25 13.60 -12.32
N TYR B 69 -18.17 13.59 -13.10
CA TYR B 69 -17.16 14.63 -13.02
C TYR B 69 -17.56 15.72 -14.00
N GLN B 70 -18.04 16.84 -13.46
CA GLN B 70 -18.67 17.88 -14.25
C GLN B 70 -17.71 19.06 -14.40
N LYS B 71 -17.33 19.35 -15.65
CA LYS B 71 -16.43 20.46 -15.94
C LYS B 71 -17.19 21.67 -16.45
N ARG B 72 -17.97 21.49 -17.51
CA ARG B 72 -18.82 22.57 -18.00
C ARG B 72 -20.03 22.77 -17.09
N VAL B 73 -20.37 24.03 -16.87
CA VAL B 73 -21.59 24.35 -16.12
C VAL B 73 -22.80 23.98 -16.97
N PRO B 74 -23.89 23.49 -16.38
CA PRO B 74 -25.08 23.16 -17.18
C PRO B 74 -25.62 24.37 -17.91
N GLN B 75 -26.23 24.11 -19.07
CA GLN B 75 -26.81 25.17 -19.88
C GLN B 75 -27.85 25.98 -19.10
N LYS B 76 -28.64 25.32 -18.25
CA LYS B 76 -29.61 26.00 -17.40
C LYS B 76 -29.13 25.93 -15.96
N HIS B 77 -28.99 27.09 -15.33
CA HIS B 77 -28.48 27.17 -13.98
C HIS B 77 -29.01 28.44 -13.33
N PRO B 78 -28.98 28.53 -12.00
CA PRO B 78 -29.53 29.72 -11.33
C PRO B 78 -28.94 31.02 -11.87
N ASP B 79 -29.73 32.09 -11.73
CA ASP B 79 -29.42 33.37 -12.36
C ASP B 79 -28.13 33.97 -11.80
N TYR B 80 -27.89 33.79 -10.49
CA TYR B 80 -26.82 34.54 -9.85
C TYR B 80 -25.44 33.99 -10.20
N LEU B 81 -25.35 32.71 -10.53
CA LEU B 81 -24.05 32.06 -10.71
C LEU B 81 -23.22 32.77 -11.76
N GLU B 82 -21.92 32.84 -11.52
CA GLU B 82 -20.97 33.37 -12.48
C GLU B 82 -20.10 32.23 -13.00
N THR B 83 -19.64 32.39 -14.24
CA THR B 83 -18.83 31.36 -14.89
C THR B 83 -17.57 31.98 -15.45
N CYS B 84 -16.62 31.11 -15.79
CA CYS B 84 -15.32 31.51 -16.32
C CYS B 84 -14.93 30.54 -17.41
N VAL B 85 -14.32 31.04 -18.48
CA VAL B 85 -13.91 30.19 -19.59
C VAL B 85 -12.53 29.61 -19.28
N VAL B 86 -12.46 28.27 -19.23
CA VAL B 86 -11.22 27.56 -18.97
C VAL B 86 -10.76 26.91 -20.26
N THR B 87 -9.44 26.67 -20.35
CA THR B 87 -8.84 26.08 -21.54
C THR B 87 -8.24 24.74 -21.17
N PHE B 88 -8.76 23.68 -21.77
CA PHE B 88 -8.28 22.33 -21.53
C PHE B 88 -6.98 22.09 -22.27
N PRO B 89 -6.21 21.06 -21.89
CA PRO B 89 -4.92 20.82 -22.56
C PRO B 89 -5.05 20.54 -24.05
N SER B 90 -6.23 20.16 -24.53
CA SER B 90 -6.43 19.99 -25.96
C SER B 90 -6.52 21.32 -26.70
N GLY B 91 -6.72 22.43 -25.97
CA GLY B 91 -7.04 23.70 -26.56
C GLY B 91 -8.51 24.04 -26.60
N ARG B 92 -9.39 23.05 -26.40
CA ARG B 92 -10.81 23.32 -26.34
C ARG B 92 -11.15 24.09 -25.06
N THR B 93 -12.26 24.80 -25.08
CA THR B 93 -12.69 25.64 -23.96
C THR B 93 -14.08 25.25 -23.48
N ALA B 94 -14.42 25.73 -22.29
CA ALA B 94 -15.74 25.49 -21.70
C ALA B 94 -16.00 26.54 -20.63
N ASP B 95 -17.29 26.78 -20.37
CA ASP B 95 -17.71 27.66 -19.28
C ASP B 95 -17.77 26.85 -17.99
N ALA B 96 -16.89 27.16 -17.04
CA ALA B 96 -16.85 26.48 -15.75
C ALA B 96 -17.42 27.37 -14.66
N LEU B 97 -18.01 26.75 -13.65
CA LEU B 97 -18.48 27.48 -12.48
C LEU B 97 -17.32 28.23 -11.83
N LYS B 98 -17.52 29.52 -11.59
CA LYS B 98 -16.55 30.34 -10.86
C LYS B 98 -17.08 30.57 -9.45
N ILE B 99 -16.25 30.29 -8.45
CA ILE B 99 -16.64 30.46 -7.05
C ILE B 99 -16.48 31.93 -6.68
N THR B 100 -17.60 32.64 -6.55
CA THR B 100 -17.58 34.06 -6.22
C THR B 100 -18.31 34.39 -4.93
N HIS B 101 -18.99 33.41 -4.32
CA HIS B 101 -19.88 33.66 -3.19
C HIS B 101 -20.18 32.32 -2.52
N PRO B 102 -20.43 32.30 -1.21
CA PRO B 102 -20.77 31.02 -0.56
C PRO B 102 -21.89 30.25 -1.23
N SER B 103 -22.84 30.95 -1.85
CA SER B 103 -23.93 30.28 -2.56
C SER B 103 -23.41 29.42 -3.72
N SER B 104 -22.29 29.80 -4.31
CA SER B 104 -21.68 28.98 -5.36
C SER B 104 -21.40 27.57 -4.84
N ILE B 105 -20.84 27.47 -3.63
CA ILE B 105 -20.49 26.17 -3.07
C ILE B 105 -21.75 25.39 -2.68
N ILE B 106 -22.75 26.08 -2.13
CA ILE B 106 -23.95 25.39 -1.70
C ILE B 106 -24.78 24.93 -2.89
N TRP B 107 -24.83 25.72 -3.96
CA TRP B 107 -25.48 25.25 -5.17
C TRP B 107 -24.81 23.98 -5.70
N ALA B 108 -23.48 23.96 -5.72
CA ALA B 108 -22.77 22.75 -6.11
C ALA B 108 -23.19 21.56 -5.24
N ALA B 109 -23.25 21.77 -3.93
CA ALA B 109 -23.63 20.68 -3.04
C ALA B 109 -25.07 20.23 -3.29
N GLN B 110 -25.96 21.17 -3.59
CA GLN B 110 -27.33 20.80 -3.95
C GLN B 110 -27.36 19.89 -5.17
N MET B 111 -26.41 20.09 -6.09
CA MET B 111 -26.30 19.27 -7.28
C MET B 111 -25.59 17.94 -7.02
N GLY B 112 -25.41 17.56 -5.76
CA GLY B 112 -24.75 16.31 -5.43
C GLY B 112 -23.24 16.35 -5.45
N THR B 113 -22.63 17.55 -5.50
CA THR B 113 -21.18 17.65 -5.48
C THR B 113 -20.64 17.19 -4.14
N VAL B 114 -19.77 16.19 -4.16
CA VAL B 114 -19.05 15.79 -2.96
C VAL B 114 -17.71 16.51 -2.86
N THR B 115 -16.99 16.65 -3.97
CA THR B 115 -15.65 17.22 -3.98
C THR B 115 -15.58 18.34 -5.00
N LEU B 116 -15.02 19.49 -4.59
CA LEU B 116 -14.72 20.58 -5.50
C LEU B 116 -13.29 20.45 -6.00
N HIS B 117 -13.10 20.68 -7.30
CA HIS B 117 -11.78 20.58 -7.94
C HIS B 117 -11.45 21.93 -8.57
N PRO B 118 -10.80 22.82 -7.82
CA PRO B 118 -10.52 24.16 -8.35
C PRO B 118 -9.28 24.18 -9.23
N TRP B 119 -9.34 25.02 -10.26
CA TRP B 119 -8.15 25.31 -11.04
C TRP B 119 -7.16 26.11 -10.20
N GLN B 120 -5.89 26.06 -10.61
CA GLN B 120 -4.85 26.81 -9.92
C GLN B 120 -4.75 28.25 -10.37
N VAL B 121 -5.75 28.76 -11.08
CA VAL B 121 -5.78 30.15 -11.54
C VAL B 121 -6.95 30.87 -10.87
N ARG B 122 -6.86 32.20 -10.88
CA ARG B 122 -7.97 33.08 -10.53
C ARG B 122 -8.48 33.74 -11.79
N CYS B 123 -9.79 33.75 -11.98
CA CYS B 123 -10.36 34.50 -13.08
C CYS B 123 -10.34 35.99 -12.73
N PRO B 124 -10.10 36.87 -13.72
CA PRO B 124 -10.07 36.58 -15.16
C PRO B 124 -8.74 36.08 -15.72
N ASP B 125 -7.65 36.11 -14.97
CA ASP B 125 -6.36 35.70 -15.53
C ASP B 125 -6.24 34.18 -15.45
N THR B 126 -6.87 33.52 -16.40
CA THR B 126 -6.84 32.07 -16.53
C THR B 126 -5.54 31.56 -17.14
N GLU B 127 -4.60 32.44 -17.48
CA GLU B 127 -3.37 32.03 -18.13
C GLU B 127 -2.23 31.73 -17.16
N HIS B 128 -2.26 32.31 -15.96
CA HIS B 128 -1.11 32.29 -15.05
C HIS B 128 -1.52 31.79 -13.69
N PRO B 129 -1.12 30.59 -13.28
CA PRO B 129 -1.48 30.09 -11.95
C PRO B 129 -0.95 31.00 -10.85
N ASP B 130 -1.74 31.15 -9.79
CA ASP B 130 -1.26 31.82 -8.59
C ASP B 130 -0.84 30.85 -7.51
N GLU B 131 -0.68 29.57 -7.84
CA GLU B 131 -0.25 28.60 -6.85
C GLU B 131 0.48 27.46 -7.54
N LEU B 132 1.54 26.98 -6.89
CA LEU B 132 2.24 25.76 -7.30
C LEU B 132 1.82 24.65 -6.35
N ARG B 133 1.47 23.50 -6.91
CA ARG B 133 0.94 22.40 -6.13
C ARG B 133 2.00 21.31 -6.00
N VAL B 134 2.25 20.89 -4.77
CA VAL B 134 3.12 19.75 -4.49
C VAL B 134 2.25 18.61 -3.98
N ASP B 135 2.22 17.51 -4.72
CA ASP B 135 1.36 16.37 -4.39
C ASP B 135 2.25 15.21 -3.97
N LEU B 136 2.25 14.89 -2.68
CA LEU B 136 2.99 13.76 -2.16
C LEU B 136 2.03 12.58 -2.13
N ASP B 137 2.20 11.66 -3.08
CA ASP B 137 1.23 10.60 -3.34
C ASP B 137 1.83 9.24 -2.99
N PRO B 138 1.43 8.61 -1.90
CA PRO B 138 1.99 7.31 -1.55
C PRO B 138 1.68 6.26 -2.61
N GLN B 139 2.70 5.53 -3.00
CA GLN B 139 2.55 4.38 -3.90
C GLN B 139 2.34 3.13 -3.07
N PRO B 140 1.91 2.03 -3.71
CA PRO B 140 1.74 0.77 -2.96
C PRO B 140 2.96 0.44 -2.10
N GLY B 141 2.70 0.10 -0.85
CA GLY B 141 3.74 -0.14 0.12
C GLY B 141 4.04 1.03 1.03
N THR B 142 3.45 2.20 0.77
CA THR B 142 3.64 3.38 1.61
C THR B 142 2.29 4.02 1.90
N GLY B 143 2.28 4.94 2.85
CA GLY B 143 1.04 5.59 3.25
C GLY B 143 1.23 6.99 3.81
N PHE B 144 0.29 7.42 4.64
CA PHE B 144 0.28 8.81 5.10
C PHE B 144 1.46 9.13 6.01
N LYS B 145 1.96 8.16 6.77
CA LYS B 145 3.09 8.44 7.65
C LYS B 145 4.33 8.79 6.85
N GLU B 146 4.55 8.09 5.73
CA GLU B 146 5.63 8.47 4.82
C GLU B 146 5.40 9.86 4.24
N ALA B 147 4.16 10.15 3.85
CA ALA B 147 3.85 11.44 3.25
C ALA B 147 4.10 12.59 4.22
N ARG B 148 3.57 12.47 5.44
CA ARG B 148 3.76 13.54 6.42
C ARG B 148 5.21 13.67 6.83
N THR B 149 5.96 12.56 6.84
CA THR B 149 7.37 12.61 7.21
C THR B 149 8.19 13.36 6.17
N VAL B 150 8.06 12.99 4.90
CA VAL B 150 8.81 13.66 3.84
C VAL B 150 8.40 15.12 3.75
N ALA B 151 7.10 15.40 3.93
CA ALA B 151 6.62 16.78 3.89
C ALA B 151 7.28 17.63 4.97
N CYS B 152 7.31 17.11 6.21
CA CYS B 152 7.81 17.92 7.32
C CYS B 152 9.33 17.90 7.39
N ASP B 153 9.97 16.78 7.09
CA ASP B 153 11.40 16.63 7.33
C ASP B 153 12.26 16.93 6.10
N VAL B 154 11.71 16.85 4.89
CA VAL B 154 12.45 17.08 3.66
C VAL B 154 11.94 18.30 2.91
N LEU B 155 10.63 18.36 2.65
CA LEU B 155 10.10 19.42 1.81
C LEU B 155 10.13 20.77 2.52
N LYS B 156 9.60 20.85 3.75
CA LYS B 156 9.58 22.13 4.45
C LYS B 156 10.98 22.71 4.65
N PRO B 157 11.99 21.95 5.11
CA PRO B 157 13.34 22.55 5.19
C PRO B 157 13.88 22.97 3.84
N LEU B 158 13.54 22.26 2.77
CA LEU B 158 13.96 22.68 1.44
C LEU B 158 13.32 24.01 1.06
N LEU B 159 12.01 24.16 1.30
CA LEU B 159 11.36 25.45 1.08
C LEU B 159 12.01 26.54 1.91
N ASP B 160 12.33 26.24 3.17
CA ASP B 160 13.02 27.19 4.03
C ASP B 160 14.33 27.65 3.40
N GLU B 161 15.11 26.71 2.86
CA GLU B 161 16.38 27.05 2.24
C GLU B 161 16.18 27.95 1.02
N LEU B 162 15.10 27.74 0.28
CA LEU B 162 14.84 28.53 -0.92
C LEU B 162 14.15 29.85 -0.62
N GLY B 163 13.88 30.15 0.65
CA GLY B 163 13.16 31.36 0.98
C GLY B 163 11.70 31.32 0.62
N LEU B 164 11.11 30.14 0.56
CA LEU B 164 9.71 29.96 0.19
C LEU B 164 8.93 29.43 1.38
N VAL B 165 7.64 29.73 1.40
N VAL B 165 7.63 29.71 1.38
CA VAL B 165 6.75 29.24 2.45
CA VAL B 165 6.72 29.28 2.45
C VAL B 165 5.67 28.41 1.79
C VAL B 165 5.61 28.44 1.82
N GLY B 166 5.40 27.25 2.37
CA GLY B 166 4.38 26.34 1.86
C GLY B 166 3.28 26.11 2.86
N TYR B 167 2.11 25.69 2.38
CA TYR B 167 0.95 25.46 3.25
C TYR B 167 0.43 24.05 3.00
N PRO B 168 0.46 23.15 4.00
CA PRO B 168 0.07 21.76 3.77
C PRO B 168 -1.37 21.46 4.13
N LYS B 169 -1.97 20.50 3.43
CA LYS B 169 -3.25 19.93 3.84
C LYS B 169 -3.23 18.43 3.58
N THR B 170 -4.00 17.69 4.36
CA THR B 170 -4.27 16.32 4.01
C THR B 170 -5.07 16.32 2.72
N SER B 171 -4.80 15.33 1.86
CA SER B 171 -5.63 15.19 0.67
C SER B 171 -7.02 14.66 1.00
N GLY B 172 -7.17 14.01 2.14
CA GLY B 172 -8.34 13.21 2.41
C GLY B 172 -8.21 11.76 2.01
N GLY B 173 -7.24 11.46 1.15
CA GLY B 173 -6.85 10.09 0.89
C GLY B 173 -5.66 9.70 1.74
N ARG B 174 -4.64 9.10 1.12
CA ARG B 174 -3.46 8.70 1.86
C ARG B 174 -2.34 9.74 1.79
N GLY B 175 -2.50 10.78 0.98
CA GLY B 175 -1.43 11.69 0.66
C GLY B 175 -1.51 13.06 1.33
N VAL B 176 -0.55 13.89 0.97
CA VAL B 176 -0.42 15.25 1.48
C VAL B 176 -0.28 16.21 0.30
N HIS B 177 -0.95 17.35 0.40
CA HIS B 177 -0.85 18.43 -0.58
C HIS B 177 -0.18 19.63 0.08
N VAL B 178 0.74 20.27 -0.64
CA VAL B 178 1.38 21.50 -0.19
C VAL B 178 1.21 22.57 -1.26
N PHE B 179 0.74 23.74 -0.86
CA PHE B 179 0.54 24.87 -1.75
C PHE B 179 1.64 25.91 -1.58
N LEU B 180 2.11 26.46 -2.70
CA LEU B 180 2.96 27.65 -2.71
C LEU B 180 2.19 28.76 -3.42
N ARG B 181 1.94 29.86 -2.73
CA ARG B 181 1.29 31.01 -3.36
C ARG B 181 2.33 31.81 -4.14
N ILE B 182 2.05 32.07 -5.41
CA ILE B 182 3.04 32.68 -6.30
C ILE B 182 2.41 33.84 -7.06
N LYS B 183 3.27 34.75 -7.49
CA LYS B 183 2.83 35.83 -8.36
C LYS B 183 2.28 35.24 -9.64
N PRO B 184 1.12 35.62 -10.08
CA PRO B 184 0.57 35.03 -11.32
C PRO B 184 1.17 35.67 -12.57
N GLN B 185 2.46 35.42 -12.79
CA GLN B 185 3.12 35.94 -13.99
C GLN B 185 3.76 34.84 -14.83
N TRP B 186 3.63 33.57 -14.44
CA TRP B 186 4.15 32.44 -15.20
C TRP B 186 3.01 31.57 -15.69
N ASP B 187 3.20 30.95 -16.86
CA ASP B 187 2.17 30.11 -17.44
C ASP B 187 2.24 28.69 -16.86
N PHE B 188 1.32 27.83 -17.32
CA PHE B 188 1.29 26.47 -16.79
C PHE B 188 2.57 25.72 -17.07
N ILE B 189 3.21 25.99 -18.22
CA ILE B 189 4.43 25.28 -18.58
C ILE B 189 5.53 25.56 -17.55
N GLU B 190 5.71 26.84 -17.22
CA GLU B 190 6.81 27.22 -16.34
C GLU B 190 6.55 26.84 -14.89
N VAL B 191 5.30 26.98 -14.43
CA VAL B 191 4.96 26.54 -13.09
C VAL B 191 5.22 25.05 -12.95
N ARG B 192 4.85 24.28 -13.99
CA ARG B 192 5.10 22.84 -13.94
C ARG B 192 6.59 22.52 -13.95
N ARG B 193 7.38 23.23 -14.77
CA ARG B 193 8.83 23.01 -14.74
C ARG B 193 9.40 23.33 -13.37
N ALA B 194 8.90 24.39 -12.73
CA ALA B 194 9.35 24.72 -11.37
C ALA B 194 9.02 23.59 -10.40
N GLY B 195 7.82 23.03 -10.50
CA GLY B 195 7.45 21.91 -9.64
C GLY B 195 8.28 20.67 -9.88
N ILE B 196 8.71 20.45 -11.13
CA ILE B 196 9.57 19.31 -11.44
C ILE B 196 10.93 19.47 -10.76
N ALA B 197 11.52 20.66 -10.86
CA ALA B 197 12.80 20.91 -10.20
C ALA B 197 12.69 20.73 -8.69
N LEU B 198 11.59 21.21 -8.11
CA LEU B 198 11.37 21.00 -6.68
C LEU B 198 11.26 19.52 -6.34
N ALA B 199 10.50 18.78 -7.15
CA ALA B 199 10.35 17.34 -6.92
C ALA B 199 11.67 16.61 -7.05
N ARG B 200 12.48 16.97 -8.05
CA ARG B 200 13.76 16.31 -8.25
C ARG B 200 14.69 16.57 -7.07
N GLU B 201 14.61 17.75 -6.47
CA GLU B 201 15.49 18.07 -5.35
C GLU B 201 15.04 17.35 -4.08
N VAL B 202 13.72 17.26 -3.86
CA VAL B 202 13.22 16.44 -2.76
C VAL B 202 13.66 14.99 -2.94
N GLU B 203 13.58 14.47 -4.17
CA GLU B 203 13.94 13.08 -4.41
C GLU B 203 15.43 12.84 -4.19
N ARG B 204 16.29 13.76 -4.63
CA ARG B 204 17.73 13.56 -4.42
C ARG B 204 18.08 13.57 -2.94
N ARG B 205 17.35 14.35 -2.13
CA ARG B 205 17.62 14.43 -0.70
C ARG B 205 17.06 13.23 0.06
N ALA B 206 16.12 12.49 -0.53
CA ALA B 206 15.53 11.33 0.14
C ALA B 206 15.22 10.24 -0.87
N PRO B 207 16.25 9.70 -1.55
CA PRO B 207 15.96 8.79 -2.69
C PRO B 207 15.35 7.46 -2.30
N ASP B 208 15.60 6.96 -1.09
CA ASP B 208 14.98 5.70 -0.70
C ASP B 208 13.50 5.86 -0.39
N ALA B 209 13.02 7.08 -0.18
CA ALA B 209 11.65 7.32 0.23
C ALA B 209 10.82 8.07 -0.80
N VAL B 210 11.45 8.67 -1.82
CA VAL B 210 10.77 9.55 -2.76
C VAL B 210 11.19 9.19 -4.17
N THR B 211 10.24 9.22 -5.11
CA THR B 211 10.52 8.97 -6.50
C THR B 211 9.77 9.98 -7.38
N THR B 212 10.35 10.26 -8.54
CA THR B 212 9.67 11.00 -9.60
C THR B 212 9.50 10.14 -10.84
N SER B 213 9.69 8.82 -10.72
CA SER B 213 9.65 7.94 -11.88
C SER B 213 8.28 7.95 -12.52
N TRP B 214 8.25 8.13 -13.83
CA TRP B 214 7.00 8.15 -14.57
C TRP B 214 6.38 6.75 -14.63
N TRP B 215 7.21 5.72 -14.74
CA TRP B 215 6.75 4.34 -14.81
C TRP B 215 6.45 3.81 -13.41
N LYS B 216 5.23 3.35 -13.19
CA LYS B 216 4.87 2.82 -11.87
C LYS B 216 5.77 1.65 -11.48
N GLU B 217 6.17 0.84 -12.46
CA GLU B 217 7.03 -0.30 -12.19
C GLU B 217 8.36 0.11 -11.55
N GLU B 218 8.83 1.31 -11.83
CA GLU B 218 10.14 1.76 -11.35
C GLU B 218 10.07 2.49 -10.02
N ARG B 219 8.86 2.71 -9.48
CA ARG B 219 8.73 3.57 -8.31
C ARG B 219 9.06 2.83 -7.01
N GLY B 220 8.68 1.56 -6.92
CA GLY B 220 8.93 0.84 -5.69
C GLY B 220 8.07 1.38 -4.55
N GLU B 221 8.50 1.08 -3.32
CA GLU B 221 7.78 1.50 -2.13
C GLU B 221 8.25 2.88 -1.70
N ARG B 222 7.84 3.88 -2.48
CA ARG B 222 8.24 5.26 -2.28
C ARG B 222 7.05 6.18 -2.46
N LEU B 223 7.19 7.39 -1.94
CA LEU B 223 6.24 8.46 -2.27
C LEU B 223 6.51 8.94 -3.68
N PHE B 224 5.46 9.08 -4.48
CA PHE B 224 5.56 9.73 -5.78
C PHE B 224 5.18 11.19 -5.62
N ILE B 225 6.08 12.10 -5.99
CA ILE B 225 5.74 13.52 -6.06
C ILE B 225 5.17 13.74 -7.46
N ASP B 226 3.85 13.89 -7.55
CA ASP B 226 3.17 13.94 -8.84
C ASP B 226 3.34 15.34 -9.40
N TYR B 227 4.46 15.53 -10.11
CA TYR B 227 4.77 16.82 -10.73
C TYR B 227 3.77 17.20 -11.81
N ASN B 228 3.01 16.24 -12.33
CA ASN B 228 2.04 16.55 -13.37
C ASN B 228 0.75 17.17 -12.82
N GLN B 229 0.64 17.30 -11.50
CA GLN B 229 -0.51 17.99 -10.91
C GLN B 229 -0.52 19.48 -11.24
N ASN B 230 0.60 20.03 -11.69
CA ASN B 230 0.65 21.42 -12.11
C ASN B 230 0.36 21.60 -13.60
N ALA B 231 -0.05 20.54 -14.29
CA ALA B 231 -0.60 20.64 -15.62
C ALA B 231 -2.07 21.07 -15.56
N ARG B 232 -2.62 21.42 -16.73
CA ARG B 232 -4.03 21.78 -16.81
C ARG B 232 -4.94 20.58 -16.58
N ASP B 233 -6.09 20.86 -15.95
CA ASP B 233 -7.22 19.92 -15.92
C ASP B 233 -6.84 18.60 -15.26
N ARG B 234 -6.27 18.71 -14.06
CA ARG B 234 -5.91 17.56 -13.24
C ARG B 234 -6.76 17.58 -11.99
N THR B 235 -7.32 16.43 -11.64
CA THR B 235 -8.13 16.35 -10.43
C THR B 235 -7.28 16.73 -9.22
N PHE B 236 -7.86 17.52 -8.33
CA PHE B 236 -7.17 17.99 -7.13
C PHE B 236 -8.21 18.55 -6.17
N ALA B 237 -8.49 17.81 -5.09
CA ALA B 237 -9.54 18.22 -4.18
C ALA B 237 -9.20 19.55 -3.52
N SER B 238 -10.20 20.43 -3.44
CA SER B 238 -9.98 21.72 -2.80
C SER B 238 -9.78 21.54 -1.30
N ALA B 239 -9.15 22.53 -0.68
CA ALA B 239 -9.16 22.61 0.77
C ALA B 239 -10.59 22.60 1.27
N TYR B 240 -10.84 21.82 2.32
CA TYR B 240 -12.13 21.67 2.99
C TYR B 240 -13.15 20.89 2.16
N SER B 241 -12.78 20.37 0.99
CA SER B 241 -13.67 19.49 0.25
C SER B 241 -13.82 18.14 0.96
N VAL B 242 -15.03 17.61 0.92
CA VAL B 242 -15.26 16.22 1.32
C VAL B 242 -14.75 15.31 0.22
N ARG B 243 -14.31 14.11 0.59
CA ARG B 243 -13.78 13.15 -0.36
C ARG B 243 -14.71 11.94 -0.47
N LYS B 244 -14.53 11.21 -1.57
CA LYS B 244 -15.26 9.99 -1.90
C LYS B 244 -14.76 8.81 -1.06
N THR B 245 -14.65 9.00 0.25
CA THR B 245 -14.25 7.90 1.13
C THR B 245 -15.44 7.41 1.95
N PRO B 246 -15.38 6.18 2.47
CA PRO B 246 -16.54 5.67 3.24
C PRO B 246 -16.93 6.54 4.43
N ILE B 247 -15.96 7.17 5.10
CA ILE B 247 -16.25 7.97 6.29
C ILE B 247 -16.32 9.46 5.98
N ALA B 248 -16.35 9.83 4.69
CA ALA B 248 -16.48 11.22 4.25
C ALA B 248 -15.35 12.10 4.81
N THR B 249 -14.11 11.68 4.57
CA THR B 249 -12.96 12.45 4.99
C THR B 249 -12.94 13.81 4.28
N VAL B 250 -12.27 14.77 4.91
CA VAL B 250 -12.14 16.12 4.39
C VAL B 250 -10.67 16.43 4.15
N SER B 251 -10.38 17.07 3.02
CA SER B 251 -9.05 17.60 2.76
C SER B 251 -8.78 18.77 3.71
N MET B 252 -7.92 18.55 4.71
CA MET B 252 -7.86 19.42 5.87
C MET B 252 -6.60 20.27 5.89
N PRO B 253 -6.70 21.60 5.79
CA PRO B 253 -5.51 22.43 5.99
C PRO B 253 -5.00 22.32 7.42
N LEU B 254 -3.68 22.16 7.54
CA LEU B 254 -3.02 22.01 8.83
C LEU B 254 -1.80 22.91 8.90
N SER B 255 -1.33 23.14 10.13
CA SER B 255 0.00 23.70 10.31
C SER B 255 1.04 22.61 10.15
N TRP B 256 2.29 23.02 9.98
CA TRP B 256 3.37 22.04 9.85
C TRP B 256 3.50 21.20 11.11
N ASP B 257 3.28 21.80 12.28
CA ASP B 257 3.37 21.04 13.53
C ASP B 257 2.26 19.99 13.61
N GLU B 258 1.03 20.37 13.23
CA GLU B 258 -0.07 19.43 13.27
C GLU B 258 0.13 18.29 12.27
N LEU B 259 0.63 18.60 11.07
CA LEU B 259 0.82 17.58 10.05
C LEU B 259 1.77 16.49 10.51
N ARG B 260 2.76 16.86 11.33
CA ARG B 260 3.82 15.94 11.72
C ARG B 260 3.27 14.67 12.35
N ASN B 261 2.16 14.76 13.07
CA ASN B 261 1.57 13.61 13.77
C ASN B 261 0.12 13.38 13.38
N ALA B 262 -0.31 13.92 12.23
CA ALA B 262 -1.71 13.92 11.84
C ALA B 262 -2.15 12.54 11.35
N ASP B 263 -3.46 12.32 11.43
CA ASP B 263 -4.12 11.14 10.87
C ASP B 263 -5.28 11.66 10.03
N PRO B 264 -5.31 11.38 8.73
CA PRO B 264 -6.37 11.96 7.89
C PRO B 264 -7.77 11.49 8.26
N ASP B 265 -7.91 10.31 8.87
CA ASP B 265 -9.24 9.85 9.27
C ASP B 265 -9.85 10.72 10.37
N ASP B 266 -9.04 11.54 11.05
CA ASP B 266 -9.58 12.42 12.08
C ASP B 266 -10.43 13.54 11.52
N TYR B 267 -10.30 13.86 10.23
CA TYR B 267 -10.96 15.01 9.62
C TYR B 267 -12.01 14.51 8.63
N THR B 268 -13.27 14.65 9.00
CA THR B 268 -14.41 14.24 8.18
C THR B 268 -15.44 15.34 8.23
N MET B 269 -16.45 15.24 7.36
CA MET B 269 -17.50 16.25 7.35
C MET B 269 -18.28 16.29 8.67
N ASN B 270 -18.15 15.26 9.49
CA ASN B 270 -18.81 15.22 10.79
C ASN B 270 -17.95 15.75 11.93
N THR B 271 -16.61 15.80 11.76
CA THR B 271 -15.73 16.25 12.83
C THR B 271 -15.11 17.61 12.59
N VAL B 272 -14.98 18.05 11.34
CA VAL B 272 -14.19 19.24 11.00
C VAL B 272 -14.80 20.52 11.57
N PRO B 273 -16.12 20.78 11.46
CA PRO B 273 -16.63 22.05 12.00
C PRO B 273 -16.33 22.26 13.47
N ASP B 274 -16.46 21.23 14.29
CA ASP B 274 -16.11 21.37 15.71
C ASP B 274 -14.62 21.54 15.91
N LEU B 275 -13.80 20.93 15.05
CA LEU B 275 -12.35 21.08 15.18
C LEU B 275 -11.90 22.48 14.78
N LEU B 276 -12.64 23.15 13.90
CA LEU B 276 -12.26 24.50 13.49
C LEU B 276 -12.63 25.53 14.54
N ALA B 277 -13.67 25.27 15.33
CA ALA B 277 -14.11 26.20 16.37
C ALA B 277 -12.98 26.49 17.34
N GLY B 278 -12.67 27.77 17.52
CA GLY B 278 -11.65 28.20 18.46
C GLY B 278 -10.23 28.01 17.97
N ARG B 279 -10.03 27.36 16.84
CA ARG B 279 -8.70 27.04 16.33
C ARG B 279 -8.27 28.10 15.31
N ASP B 280 -7.00 28.50 15.39
CA ASP B 280 -6.45 29.46 14.45
C ASP B 280 -6.35 28.85 13.07
N ASP B 281 -6.69 29.62 12.05
CA ASP B 281 -6.54 29.16 10.67
C ASP B 281 -5.06 28.99 10.36
N PRO B 282 -4.56 27.76 10.17
CA PRO B 282 -3.12 27.60 9.91
C PRO B 282 -2.68 28.21 8.58
N TRP B 283 -3.59 28.43 7.63
CA TRP B 283 -3.28 29.05 6.36
C TRP B 283 -3.62 30.54 6.34
N ALA B 284 -3.68 31.19 7.52
CA ALA B 284 -4.14 32.57 7.59
C ALA B 284 -3.31 33.51 6.73
N ASP B 285 -2.01 33.23 6.57
CA ASP B 285 -1.10 34.15 5.92
C ASP B 285 -0.78 33.77 4.47
N ILE B 286 -1.55 32.86 3.87
CA ILE B 286 -1.15 32.33 2.56
C ILE B 286 -1.17 33.42 1.49
N ASP B 287 -2.18 34.30 1.52
CA ASP B 287 -2.27 35.37 0.54
C ASP B 287 -1.43 36.59 0.92
N SER B 288 -0.69 36.53 2.03
CA SER B 288 0.03 37.70 2.49
C SER B 288 1.24 38.00 1.62
N VAL B 289 1.82 36.99 0.98
CA VAL B 289 3.02 37.17 0.16
C VAL B 289 2.86 36.36 -1.12
N GLN B 290 2.84 37.05 -2.27
CA GLN B 290 2.89 36.38 -3.57
C GLN B 290 4.36 36.16 -3.90
N GLN B 291 4.78 34.90 -3.93
CA GLN B 291 6.19 34.57 -4.02
C GLN B 291 6.64 34.42 -5.47
N SER B 292 7.93 34.63 -5.69
CA SER B 292 8.52 34.46 -7.01
C SER B 292 8.95 33.01 -7.22
N LEU B 293 8.74 32.54 -8.45
CA LEU B 293 9.25 31.22 -8.85
C LEU B 293 10.75 31.26 -9.13
N GLY B 294 11.38 32.43 -9.03
CA GLY B 294 12.80 32.60 -9.28
C GLY B 294 13.69 31.51 -8.72
N PRO B 295 13.59 31.24 -7.41
CA PRO B 295 14.47 30.20 -6.83
C PRO B 295 14.29 28.83 -7.48
N LEU B 296 13.05 28.44 -7.77
CA LEU B 296 12.81 27.15 -8.38
C LEU B 296 13.20 27.13 -9.85
N LEU B 297 13.03 28.25 -10.55
CA LEU B 297 13.46 28.28 -11.94
C LEU B 297 14.99 28.27 -12.03
N ASP B 298 15.67 28.76 -10.99
CA ASP B 298 17.12 28.55 -10.90
C ASP B 298 17.45 27.08 -10.74
N LEU B 299 16.67 26.35 -9.94
CA LEU B 299 16.84 24.91 -9.84
C LEU B 299 16.64 24.22 -11.18
N VAL B 300 15.71 24.74 -12.00
CA VAL B 300 15.47 24.17 -13.32
C VAL B 300 16.73 24.28 -14.18
N ALA B 301 17.35 25.46 -14.19
CA ALA B 301 18.56 25.66 -14.98
C ALA B 301 19.71 24.80 -14.47
N ALA B 302 19.82 24.66 -13.14
CA ALA B 302 20.81 23.75 -12.57
C ALA B 302 20.60 22.32 -13.06
N ASP B 303 19.34 21.86 -13.05
CA ASP B 303 19.03 20.52 -13.56
C ASP B 303 19.39 20.39 -15.04
N GLU B 304 19.19 21.46 -15.83
CA GLU B 304 19.53 21.38 -17.25
C GLU B 304 21.00 21.11 -17.44
N GLU B 305 21.83 21.55 -16.49
CA GLU B 305 23.27 21.31 -16.53
C GLU B 305 23.64 19.89 -16.12
N ARG B 306 22.83 19.26 -15.27
CA ARG B 306 22.99 17.84 -14.99
C ARG B 306 22.53 16.98 -16.16
N GLY B 307 22.04 17.59 -17.24
CA GLY B 307 21.46 16.86 -18.34
C GLY B 307 20.02 16.48 -18.12
N LEU B 308 19.31 17.16 -17.22
CA LEU B 308 17.95 16.82 -16.85
C LEU B 308 17.00 17.89 -17.38
N GLY B 309 16.13 17.51 -18.30
CA GLY B 309 15.18 18.43 -18.87
C GLY B 309 13.75 18.19 -18.41
N ASP B 310 12.80 18.34 -19.33
CA ASP B 310 11.40 18.13 -19.02
C ASP B 310 11.14 16.65 -18.72
N LEU B 311 10.03 16.39 -18.05
CA LEU B 311 9.55 15.04 -17.76
C LEU B 311 8.24 14.78 -18.51
N PRO B 312 7.89 13.51 -18.73
CA PRO B 312 6.69 13.22 -19.52
C PRO B 312 5.41 13.65 -18.80
N TYR B 313 4.43 14.05 -19.60
CA TYR B 313 3.08 14.35 -19.12
C TYR B 313 2.35 13.04 -18.82
N PRO B 314 1.16 13.11 -18.22
CA PRO B 314 0.43 11.86 -17.88
C PRO B 314 0.06 11.10 -19.14
N PRO B 315 -0.21 9.80 -19.01
CA PRO B 315 -0.63 9.03 -20.19
C PRO B 315 -1.86 9.63 -20.82
N ASN B 316 -1.85 9.70 -22.15
CA ASN B 316 -2.97 10.21 -22.96
C ASN B 316 -3.29 11.67 -22.67
N TYR B 317 -2.37 12.42 -22.08
CA TYR B 317 -2.63 13.83 -21.79
C TYR B 317 -2.68 14.63 -23.08
N PRO B 318 -3.77 15.32 -23.39
CA PRO B 318 -3.89 16.02 -24.68
C PRO B 318 -2.85 17.13 -24.82
N LYS B 319 -2.57 17.49 -26.07
CA LYS B 319 -1.67 18.59 -26.40
C LYS B 319 -2.35 19.55 -27.36
N MET B 320 -1.87 20.82 -27.36
N MET B 320 -1.88 20.81 -27.36
CA MET B 320 -2.40 21.84 -28.24
CA MET B 320 -2.41 21.83 -28.24
C MET B 320 -1.65 21.85 -29.56
C MET B 320 -1.65 21.84 -29.56
N PRO B 321 -2.34 22.22 -30.65
CA PRO B 321 -1.68 22.25 -31.97
C PRO B 321 -0.31 22.93 -32.03
N GLY B 322 -0.15 24.11 -31.43
CA GLY B 322 1.12 24.79 -31.56
C GLY B 322 2.03 24.67 -30.35
N GLU B 323 1.77 23.68 -29.50
CA GLU B 323 2.53 23.46 -28.29
C GLU B 323 3.87 22.80 -28.64
N PRO B 324 4.95 23.18 -27.96
CA PRO B 324 6.26 22.58 -28.28
C PRO B 324 6.26 21.10 -27.96
N PRO B 325 7.07 20.32 -28.69
CA PRO B 325 7.06 18.86 -28.47
C PRO B 325 7.49 18.48 -27.07
N ARG B 326 6.86 17.44 -26.54
CA ARG B 326 7.08 17.00 -25.17
C ARG B 326 8.08 15.86 -25.10
N VAL B 327 8.59 15.63 -23.90
CA VAL B 327 9.45 14.49 -23.63
C VAL B 327 8.59 13.24 -23.52
N GLN B 328 8.97 12.20 -24.25
CA GLN B 328 8.22 10.96 -24.21
C GLN B 328 8.79 10.02 -23.15
N PRO B 329 7.97 9.14 -22.58
CA PRO B 329 8.51 8.20 -21.60
C PRO B 329 9.45 7.20 -22.27
N SER B 330 10.54 6.87 -21.57
CA SER B 330 11.57 5.97 -22.07
C SER B 330 11.42 4.59 -21.43
N LYS B 331 11.57 3.55 -22.25
CA LYS B 331 11.51 2.16 -21.79
C LYS B 331 10.12 1.82 -21.25
#